data_1HR3
# 
_entry.id   1HR3 
# 
_audit_conform.dict_name       mmcif_pdbx.dic 
_audit_conform.dict_version    5.386 
_audit_conform.dict_location   http://mmcif.pdb.org/dictionaries/ascii/mmcif_pdbx.dic 
# 
loop_
_database_2.database_id 
_database_2.database_code 
_database_2.pdbx_database_accession 
_database_2.pdbx_DOI 
PDB   1HR3         pdb_00001hr3 10.2210/pdb1hr3/pdb 
WWPDB D_1000173968 ?            ?                   
# 
loop_
_pdbx_audit_revision_history.ordinal 
_pdbx_audit_revision_history.data_content_type 
_pdbx_audit_revision_history.major_revision 
_pdbx_audit_revision_history.minor_revision 
_pdbx_audit_revision_history.revision_date 
1 'Structure model' 1 0 1983-06-10 
2 'Structure model' 1 1 2008-03-03 
3 'Structure model' 1 2 2011-07-13 
4 'Structure model' 1 3 2017-11-29 
5 'Structure model' 1 4 2024-02-07 
# 
_pdbx_audit_revision_details.ordinal             1 
_pdbx_audit_revision_details.revision_ordinal    1 
_pdbx_audit_revision_details.data_content_type   'Structure model' 
_pdbx_audit_revision_details.provider            repository 
_pdbx_audit_revision_details.type                'Initial release' 
_pdbx_audit_revision_details.description         ? 
_pdbx_audit_revision_details.details             ? 
# 
loop_
_pdbx_audit_revision_group.ordinal 
_pdbx_audit_revision_group.revision_ordinal 
_pdbx_audit_revision_group.data_content_type 
_pdbx_audit_revision_group.group 
1 2 'Structure model' 'Version format compliance' 
2 3 'Structure model' 'Version format compliance' 
3 4 'Structure model' 'Derived calculations'      
4 4 'Structure model' Other                       
5 5 'Structure model' 'Data collection'           
6 5 'Structure model' 'Database references'       
# 
loop_
_pdbx_audit_revision_category.ordinal 
_pdbx_audit_revision_category.revision_ordinal 
_pdbx_audit_revision_category.data_content_type 
_pdbx_audit_revision_category.category 
1 4 'Structure model' pdbx_database_status 
2 4 'Structure model' struct_conf          
3 4 'Structure model' struct_conf_type     
4 5 'Structure model' chem_comp_atom       
5 5 'Structure model' chem_comp_bond       
6 5 'Structure model' database_2           
# 
loop_
_pdbx_audit_revision_item.ordinal 
_pdbx_audit_revision_item.revision_ordinal 
_pdbx_audit_revision_item.data_content_type 
_pdbx_audit_revision_item.item 
1 4 'Structure model' '_pdbx_database_status.process_site'  
2 5 'Structure model' '_database_2.pdbx_DOI'                
3 5 'Structure model' '_database_2.pdbx_database_accession' 
# 
_pdbx_database_status.status_code                     REL 
_pdbx_database_status.entry_id                        1HR3 
_pdbx_database_status.recvd_initial_deposition_date   1983-05-06 
_pdbx_database_status.deposit_site                    ? 
_pdbx_database_status.process_site                    BNL 
_pdbx_database_status.SG_entry                        . 
_pdbx_database_status.pdb_format_compatible           Y 
_pdbx_database_status.status_code_mr                  ? 
_pdbx_database_status.status_code_sf                  ? 
_pdbx_database_status.status_code_cs                  ? 
_pdbx_database_status.methods_development_category    ? 
_pdbx_database_status.status_code_nmr_data            ? 
# 
loop_
_audit_author.name 
_audit_author.pdbx_ordinal 
'Smith, J.L.'       1 
'Hendrickson, W.A.' 2 
'Addison, A.W.'     3 
# 
loop_
_citation.id 
_citation.title 
_citation.journal_abbrev 
_citation.journal_volume 
_citation.page_first 
_citation.page_last 
_citation.year 
_citation.journal_id_ASTM 
_citation.country 
_citation.journal_id_ISSN 
_citation.journal_id_CSD 
_citation.book_publisher 
_citation.pdbx_database_id_PubMed 
_citation.pdbx_database_id_DOI 
primary 'Structure of trimeric haemerythrin.'         Nature                303 86  88 1983 NATUAS UK 0028-0836 0006 ? 6843663 
10.1038/303086a0 
1       'Chemistry of Phascolosoma Lurco Hemerythrin' Arch.Biochem.Biophys. 183 328 ?  1977 ABBIA4 US 0003-9861 0158 ? ?       ? 
# 
loop_
_citation_author.citation_id 
_citation_author.name 
_citation_author.ordinal 
_citation_author.identifier_ORCID 
primary 'Smith, J.L.'       1 ? 
primary 'Hendrickson, W.A.' 2 ? 
primary 'Addison, A.W.'     3 ? 
1       'Addison, A.W.'     4 ? 
1       'Bruce, R.E.'       5 ? 
# 
loop_
_entity.id 
_entity.type 
_entity.src_method 
_entity.pdbx_description 
_entity.formula_weight 
_entity.pdbx_number_of_molecules 
_entity.pdbx_ec 
_entity.pdbx_mutation 
_entity.pdbx_fragment 
_entity.details 
1 polymer     man HEMERYTHRIN             10060.393 3 ? ? ? ? 
2 non-polymer syn MONOAZIDO-MU-OXO-DIIRON 169.709   3 ? ? ? ? 
# 
_entity_poly.entity_id                      1 
_entity_poly.type                           'polypeptide(L)' 
_entity_poly.nstd_linkage                   no 
_entity_poly.nstd_monomer                   no 
_entity_poly.pdbx_seq_one_letter_code       
;(UNK)(UNK)(UNK)(UNK)(UNK)(UNK)(UNK)(UNK)(UNK)(UNK)(UNK)(UNK)(UNK)(UNK)(UNK)(UNK)
(UNK)(UNK)(UNK)(UNK)(UNK)(UNK)(UNK)(UNK)(UNK)(UNK)(UNK)(UNK)(UNK)(UNK)(UNK)(UNK)
(UNK)(UNK)(UNK)(UNK)(UNK)(UNK)(UNK)(UNK)(UNK)(UNK)(UNK)(UNK)(UNK)(UNK)(UNK)(UNK)
(UNK)(UNK)(UNK)(UNK)(UNK)(UNK)(UNK)(UNK)(UNK)(UNK)(UNK)(UNK)(UNK)(UNK)(UNK)(UNK)
(UNK)(UNK)(UNK)(UNK)(UNK)(UNK)(UNK)(UNK)(UNK)(UNK)(UNK)(UNK)(UNK)(UNK)(UNK)(UNK)
(UNK)(UNK)(UNK)(UNK)(UNK)(UNK)(UNK)(UNK)(UNK)(UNK)(UNK)(UNK)(UNK)(UNK)(UNK)(UNK)
(UNK)(UNK)(UNK)(UNK)(UNK)(UNK)(UNK)(UNK)(UNK)(UNK)(UNK)(UNK)(UNK)(UNK)(UNK)(UNK)
(UNK)(UNK)(UNK)(UNK)(UNK)(UNK)
;
_entity_poly.pdbx_seq_one_letter_code_can   
;XXXXXXXXXXXXXXXXXXXXXXXXXXXXXXXXXXXXXXXXXXXXXXXXXXXXXXXXXXXXXXXXXXXXXXXXXXXXXXXX
XXXXXXXXXXXXXXXXXXXXXXXXXXXXXXXXXXXXXX
;
_entity_poly.pdbx_strand_id                 A,B,C 
_entity_poly.pdbx_target_identifier         ? 
# 
_pdbx_entity_nonpoly.entity_id   2 
_pdbx_entity_nonpoly.name        MONOAZIDO-MU-OXO-DIIRON 
_pdbx_entity_nonpoly.comp_id     FEA 
# 
loop_
_entity_poly_seq.entity_id 
_entity_poly_seq.num 
_entity_poly_seq.mon_id 
_entity_poly_seq.hetero 
1 1   UNK n 
1 2   UNK n 
1 3   UNK n 
1 4   UNK n 
1 5   UNK n 
1 6   UNK n 
1 7   UNK n 
1 8   UNK n 
1 9   UNK n 
1 10  UNK n 
1 11  UNK n 
1 12  UNK n 
1 13  UNK n 
1 14  UNK n 
1 15  UNK n 
1 16  UNK n 
1 17  UNK n 
1 18  UNK n 
1 19  UNK n 
1 20  UNK n 
1 21  UNK n 
1 22  UNK n 
1 23  UNK n 
1 24  UNK n 
1 25  UNK n 
1 26  UNK n 
1 27  UNK n 
1 28  UNK n 
1 29  UNK n 
1 30  UNK n 
1 31  UNK n 
1 32  UNK n 
1 33  UNK n 
1 34  UNK n 
1 35  UNK n 
1 36  UNK n 
1 37  UNK n 
1 38  UNK n 
1 39  UNK n 
1 40  UNK n 
1 41  UNK n 
1 42  UNK n 
1 43  UNK n 
1 44  UNK n 
1 45  UNK n 
1 46  UNK n 
1 47  UNK n 
1 48  UNK n 
1 49  UNK n 
1 50  UNK n 
1 51  UNK n 
1 52  UNK n 
1 53  UNK n 
1 54  UNK n 
1 55  UNK n 
1 56  UNK n 
1 57  UNK n 
1 58  UNK n 
1 59  UNK n 
1 60  UNK n 
1 61  UNK n 
1 62  UNK n 
1 63  UNK n 
1 64  UNK n 
1 65  UNK n 
1 66  UNK n 
1 67  UNK n 
1 68  UNK n 
1 69  UNK n 
1 70  UNK n 
1 71  UNK n 
1 72  UNK n 
1 73  UNK n 
1 74  UNK n 
1 75  UNK n 
1 76  UNK n 
1 77  UNK n 
1 78  UNK n 
1 79  UNK n 
1 80  UNK n 
1 81  UNK n 
1 82  UNK n 
1 83  UNK n 
1 84  UNK n 
1 85  UNK n 
1 86  UNK n 
1 87  UNK n 
1 88  UNK n 
1 89  UNK n 
1 90  UNK n 
1 91  UNK n 
1 92  UNK n 
1 93  UNK n 
1 94  UNK n 
1 95  UNK n 
1 96  UNK n 
1 97  UNK n 
1 98  UNK n 
1 99  UNK n 
1 100 UNK n 
1 101 UNK n 
1 102 UNK n 
1 103 UNK n 
1 104 UNK n 
1 105 UNK n 
1 106 UNK n 
1 107 UNK n 
1 108 UNK n 
1 109 UNK n 
1 110 UNK n 
1 111 UNK n 
1 112 UNK n 
1 113 UNK n 
1 114 UNK n 
1 115 UNK n 
1 116 UNK n 
1 117 UNK n 
1 118 UNK n 
# 
_entity_src_gen.entity_id                          1 
_entity_src_gen.pdbx_src_id                        1 
_entity_src_gen.pdbx_alt_source_flag               sample 
_entity_src_gen.pdbx_seq_type                      ? 
_entity_src_gen.pdbx_beg_seq_num                   ? 
_entity_src_gen.pdbx_end_seq_num                   ? 
_entity_src_gen.gene_src_common_name               'peanut worms' 
_entity_src_gen.gene_src_genus                     ? 
_entity_src_gen.pdbx_gene_src_gene                 ? 
_entity_src_gen.gene_src_species                   ? 
_entity_src_gen.gene_src_strain                    ? 
_entity_src_gen.gene_src_tissue                    ? 
_entity_src_gen.gene_src_tissue_fraction           ? 
_entity_src_gen.gene_src_details                   ? 
_entity_src_gen.pdbx_gene_src_fragment             ? 
_entity_src_gen.pdbx_gene_src_scientific_name      Siphonosoma 
_entity_src_gen.pdbx_gene_src_ncbi_taxonomy_id     6443 
_entity_src_gen.pdbx_gene_src_variant              ? 
_entity_src_gen.pdbx_gene_src_cell_line            ? 
_entity_src_gen.pdbx_gene_src_atcc                 ? 
_entity_src_gen.pdbx_gene_src_organ                ? 
_entity_src_gen.pdbx_gene_src_organelle            ? 
_entity_src_gen.pdbx_gene_src_cell                 ? 
_entity_src_gen.pdbx_gene_src_cellular_location    ? 
_entity_src_gen.host_org_common_name               ? 
_entity_src_gen.pdbx_host_org_scientific_name      ? 
_entity_src_gen.pdbx_host_org_ncbi_taxonomy_id     ? 
_entity_src_gen.host_org_genus                     ? 
_entity_src_gen.pdbx_host_org_gene                 ? 
_entity_src_gen.pdbx_host_org_organ                ? 
_entity_src_gen.host_org_species                   ? 
_entity_src_gen.pdbx_host_org_tissue               ? 
_entity_src_gen.pdbx_host_org_tissue_fraction      ? 
_entity_src_gen.pdbx_host_org_strain               ? 
_entity_src_gen.pdbx_host_org_variant              ? 
_entity_src_gen.pdbx_host_org_cell_line            ? 
_entity_src_gen.pdbx_host_org_atcc                 ? 
_entity_src_gen.pdbx_host_org_culture_collection   ? 
_entity_src_gen.pdbx_host_org_cell                 ? 
_entity_src_gen.pdbx_host_org_organelle            ? 
_entity_src_gen.pdbx_host_org_cellular_location    ? 
_entity_src_gen.pdbx_host_org_vector_type          ? 
_entity_src_gen.pdbx_host_org_vector               ? 
_entity_src_gen.host_org_details                   ? 
_entity_src_gen.expression_system_id               ? 
_entity_src_gen.plasmid_name                       ? 
_entity_src_gen.plasmid_details                    ? 
_entity_src_gen.pdbx_description                   ? 
# 
loop_
_chem_comp.id 
_chem_comp.type 
_chem_comp.mon_nstd_flag 
_chem_comp.name 
_chem_comp.pdbx_synonyms 
_chem_comp.formula 
_chem_comp.formula_weight 
FEA non-polymer         . MONOAZIDO-MU-OXO-DIIRON ? 'Fe2 N3 O'   169.709 
UNK 'L-peptide linking' . UNKNOWN                 ? 'C4 H9 N O2' 103.120 
# 
loop_
_pdbx_poly_seq_scheme.asym_id 
_pdbx_poly_seq_scheme.entity_id 
_pdbx_poly_seq_scheme.seq_id 
_pdbx_poly_seq_scheme.mon_id 
_pdbx_poly_seq_scheme.ndb_seq_num 
_pdbx_poly_seq_scheme.pdb_seq_num 
_pdbx_poly_seq_scheme.auth_seq_num 
_pdbx_poly_seq_scheme.pdb_mon_id 
_pdbx_poly_seq_scheme.auth_mon_id 
_pdbx_poly_seq_scheme.pdb_strand_id 
_pdbx_poly_seq_scheme.pdb_ins_code 
_pdbx_poly_seq_scheme.hetero 
A 1 1   UNK 1   1   1   UNK UNK A . n 
A 1 2   UNK 2   2   2   UNK UNK A . n 
A 1 3   UNK 3   3   3   UNK UNK A . n 
A 1 4   UNK 4   4   4   UNK UNK A . n 
A 1 5   UNK 5   5   5   UNK UNK A . n 
A 1 6   UNK 6   6   6   UNK UNK A . n 
A 1 7   UNK 7   7   7   UNK UNK A . n 
A 1 8   UNK 8   8   8   UNK UNK A . n 
A 1 9   UNK 9   9   9   UNK UNK A . n 
A 1 10  UNK 10  10  10  UNK UNK A . n 
A 1 11  UNK 11  11  11  UNK UNK A . n 
A 1 12  UNK 12  12  12  UNK UNK A . n 
A 1 13  UNK 13  13  13  UNK UNK A . n 
A 1 14  UNK 14  14  14  UNK UNK A . n 
A 1 15  UNK 15  15  15  UNK UNK A . n 
A 1 16  UNK 16  16  16  UNK UNK A . n 
A 1 17  UNK 17  17  17  UNK UNK A . n 
A 1 18  UNK 18  18  18  UNK UNK A . n 
A 1 19  UNK 19  19  19  UNK UNK A . n 
A 1 20  UNK 20  20  20  UNK UNK A . n 
A 1 21  UNK 21  21  21  UNK UNK A . n 
A 1 22  UNK 22  22  22  UNK UNK A . n 
A 1 23  UNK 23  23  23  UNK UNK A . n 
A 1 24  UNK 24  24  24  UNK UNK A . n 
A 1 25  UNK 25  25  25  UNK UNK A . n 
A 1 26  UNK 26  26  26  UNK UNK A . n 
A 1 27  UNK 27  27  27  UNK UNK A . n 
A 1 28  UNK 28  28  28  UNK UNK A . n 
A 1 29  UNK 29  29  29  UNK UNK A . n 
A 1 30  UNK 30  30  30  UNK UNK A . n 
A 1 31  UNK 31  31  31  UNK UNK A . n 
A 1 32  UNK 32  32  32  UNK UNK A . n 
A 1 33  UNK 33  33  33  UNK UNK A . n 
A 1 34  UNK 34  34  34  UNK UNK A . n 
A 1 35  UNK 35  35  35  UNK UNK A . n 
A 1 36  UNK 36  36  36  UNK UNK A . n 
A 1 37  UNK 37  37  37  UNK UNK A . n 
A 1 38  UNK 38  38  38  UNK UNK A . n 
A 1 39  UNK 39  39  39  UNK UNK A . n 
A 1 40  UNK 40  40  40  UNK UNK A . n 
A 1 41  UNK 41  41  41  UNK UNK A . n 
A 1 42  UNK 42  42  42  UNK UNK A . n 
A 1 43  UNK 43  43  43  UNK UNK A . n 
A 1 44  UNK 44  44  44  UNK UNK A . n 
A 1 45  UNK 45  45  45  UNK UNK A . n 
A 1 46  UNK 46  46  46  UNK UNK A . n 
A 1 47  UNK 47  47  47  UNK UNK A . n 
A 1 48  UNK 48  48  48  UNK UNK A . n 
A 1 49  UNK 49  49  49  UNK UNK A . n 
A 1 50  UNK 50  50  50  UNK UNK A . n 
A 1 51  UNK 51  51  51  UNK UNK A . n 
A 1 52  UNK 52  52  52  UNK UNK A . n 
A 1 53  UNK 53  53  53  UNK UNK A . n 
A 1 54  UNK 54  54  54  UNK UNK A . n 
A 1 55  UNK 55  55  55  UNK UNK A . n 
A 1 56  UNK 56  56  56  UNK UNK A . n 
A 1 57  UNK 57  57  57  UNK UNK A . n 
A 1 58  UNK 58  58  58  UNK UNK A . n 
A 1 59  UNK 59  59  59  UNK UNK A . n 
A 1 60  UNK 60  60  60  UNK UNK A . n 
A 1 61  UNK 61  61  61  UNK UNK A . n 
A 1 62  UNK 62  62  62  UNK UNK A . n 
A 1 63  UNK 63  63  63  UNK UNK A . n 
A 1 64  UNK 64  64  64  UNK UNK A . n 
A 1 65  UNK 65  65  65  UNK UNK A . n 
A 1 66  UNK 66  66  66  UNK UNK A . n 
A 1 67  UNK 67  67  67  UNK UNK A . n 
A 1 68  UNK 68  68  68  UNK UNK A . n 
A 1 69  UNK 69  69  69  UNK UNK A . n 
A 1 70  UNK 70  70  70  UNK UNK A . n 
A 1 71  UNK 71  71  71  UNK UNK A . n 
A 1 72  UNK 72  72  72  UNK UNK A . n 
A 1 73  UNK 73  73  73  UNK UNK A . n 
A 1 74  UNK 74  74  74  UNK UNK A . n 
A 1 75  UNK 75  75  75  UNK UNK A . n 
A 1 76  UNK 76  76  76  UNK UNK A . n 
A 1 77  UNK 77  77  77  UNK UNK A . n 
A 1 78  UNK 78  78  78  UNK UNK A . n 
A 1 79  UNK 79  79  79  UNK UNK A . n 
A 1 80  UNK 80  80  80  UNK UNK A . n 
A 1 81  UNK 81  81  81  UNK UNK A . n 
A 1 82  UNK 82  82  82  UNK UNK A . n 
A 1 83  UNK 83  83  83  UNK UNK A . n 
A 1 84  UNK 84  84  84  UNK UNK A . n 
A 1 85  UNK 85  85  85  UNK UNK A . n 
A 1 86  UNK 86  86  86  UNK UNK A . n 
A 1 87  UNK 87  87  87  UNK UNK A . n 
A 1 88  UNK 88  88  88  UNK UNK A . n 
A 1 89  UNK 89  89  89  UNK UNK A . n 
A 1 90  UNK 90  90  90  UNK UNK A . n 
A 1 91  UNK 91  91  91  UNK UNK A . n 
A 1 92  UNK 92  92  92  UNK UNK A . n 
A 1 93  UNK 93  93  93  UNK UNK A . n 
A 1 94  UNK 94  94  94  UNK UNK A . n 
A 1 95  UNK 95  95  95  UNK UNK A . n 
A 1 96  UNK 96  96  96  UNK UNK A . n 
A 1 97  UNK 97  97  97  UNK UNK A . n 
A 1 98  UNK 98  98  98  UNK UNK A . n 
A 1 99  UNK 99  99  99  UNK UNK A . n 
A 1 100 UNK 100 100 100 UNK UNK A . n 
A 1 101 UNK 101 101 101 UNK UNK A . n 
A 1 102 UNK 102 102 102 UNK UNK A . n 
A 1 103 UNK 103 103 103 UNK UNK A . n 
A 1 104 UNK 104 104 104 UNK UNK A . n 
A 1 105 UNK 105 105 105 UNK UNK A . n 
A 1 106 UNK 106 106 106 UNK UNK A . n 
A 1 107 UNK 107 107 107 UNK UNK A . n 
A 1 108 UNK 108 108 108 UNK UNK A . n 
A 1 109 UNK 109 109 109 UNK UNK A . n 
A 1 110 UNK 110 110 110 UNK UNK A . n 
A 1 111 UNK 111 111 111 UNK UNK A . n 
A 1 112 UNK 112 112 112 UNK UNK A . n 
A 1 113 UNK 113 113 113 UNK UNK A . n 
A 1 114 UNK 114 114 114 UNK UNK A . n 
A 1 115 UNK 115 115 115 UNK UNK A . n 
A 1 116 UNK 116 116 116 UNK UNK A . n 
A 1 117 UNK 117 117 117 UNK UNK A . n 
A 1 118 UNK 118 118 118 UNK UNK A . n 
B 1 1   UNK 1   1   1   UNK UNK B . n 
B 1 2   UNK 2   2   2   UNK UNK B . n 
B 1 3   UNK 3   3   3   UNK UNK B . n 
B 1 4   UNK 4   4   4   UNK UNK B . n 
B 1 5   UNK 5   5   5   UNK UNK B . n 
B 1 6   UNK 6   6   6   UNK UNK B . n 
B 1 7   UNK 7   7   7   UNK UNK B . n 
B 1 8   UNK 8   8   8   UNK UNK B . n 
B 1 9   UNK 9   9   9   UNK UNK B . n 
B 1 10  UNK 10  10  10  UNK UNK B . n 
B 1 11  UNK 11  11  11  UNK UNK B . n 
B 1 12  UNK 12  12  12  UNK UNK B . n 
B 1 13  UNK 13  13  13  UNK UNK B . n 
B 1 14  UNK 14  14  14  UNK UNK B . n 
B 1 15  UNK 15  15  15  UNK UNK B . n 
B 1 16  UNK 16  16  16  UNK UNK B . n 
B 1 17  UNK 17  17  17  UNK UNK B . n 
B 1 18  UNK 18  18  18  UNK UNK B . n 
B 1 19  UNK 19  19  19  UNK UNK B . n 
B 1 20  UNK 20  20  20  UNK UNK B . n 
B 1 21  UNK 21  21  21  UNK UNK B . n 
B 1 22  UNK 22  22  22  UNK UNK B . n 
B 1 23  UNK 23  23  23  UNK UNK B . n 
B 1 24  UNK 24  24  24  UNK UNK B . n 
B 1 25  UNK 25  25  25  UNK UNK B . n 
B 1 26  UNK 26  26  26  UNK UNK B . n 
B 1 27  UNK 27  27  27  UNK UNK B . n 
B 1 28  UNK 28  28  28  UNK UNK B . n 
B 1 29  UNK 29  29  29  UNK UNK B . n 
B 1 30  UNK 30  30  30  UNK UNK B . n 
B 1 31  UNK 31  31  31  UNK UNK B . n 
B 1 32  UNK 32  32  32  UNK UNK B . n 
B 1 33  UNK 33  33  33  UNK UNK B . n 
B 1 34  UNK 34  34  34  UNK UNK B . n 
B 1 35  UNK 35  35  35  UNK UNK B . n 
B 1 36  UNK 36  36  36  UNK UNK B . n 
B 1 37  UNK 37  37  37  UNK UNK B . n 
B 1 38  UNK 38  38  38  UNK UNK B . n 
B 1 39  UNK 39  39  39  UNK UNK B . n 
B 1 40  UNK 40  40  40  UNK UNK B . n 
B 1 41  UNK 41  41  41  UNK UNK B . n 
B 1 42  UNK 42  42  42  UNK UNK B . n 
B 1 43  UNK 43  43  43  UNK UNK B . n 
B 1 44  UNK 44  44  44  UNK UNK B . n 
B 1 45  UNK 45  45  45  UNK UNK B . n 
B 1 46  UNK 46  46  46  UNK UNK B . n 
B 1 47  UNK 47  47  47  UNK UNK B . n 
B 1 48  UNK 48  48  48  UNK UNK B . n 
B 1 49  UNK 49  49  49  UNK UNK B . n 
B 1 50  UNK 50  50  50  UNK UNK B . n 
B 1 51  UNK 51  51  51  UNK UNK B . n 
B 1 52  UNK 52  52  52  UNK UNK B . n 
B 1 53  UNK 53  53  53  UNK UNK B . n 
B 1 54  UNK 54  54  54  UNK UNK B . n 
B 1 55  UNK 55  55  55  UNK UNK B . n 
B 1 56  UNK 56  56  56  UNK UNK B . n 
B 1 57  UNK 57  57  57  UNK UNK B . n 
B 1 58  UNK 58  58  58  UNK UNK B . n 
B 1 59  UNK 59  59  59  UNK UNK B . n 
B 1 60  UNK 60  60  60  UNK UNK B . n 
B 1 61  UNK 61  61  61  UNK UNK B . n 
B 1 62  UNK 62  62  62  UNK UNK B . n 
B 1 63  UNK 63  63  63  UNK UNK B . n 
B 1 64  UNK 64  64  64  UNK UNK B . n 
B 1 65  UNK 65  65  65  UNK UNK B . n 
B 1 66  UNK 66  66  66  UNK UNK B . n 
B 1 67  UNK 67  67  67  UNK UNK B . n 
B 1 68  UNK 68  68  68  UNK UNK B . n 
B 1 69  UNK 69  69  69  UNK UNK B . n 
B 1 70  UNK 70  70  70  UNK UNK B . n 
B 1 71  UNK 71  71  71  UNK UNK B . n 
B 1 72  UNK 72  72  72  UNK UNK B . n 
B 1 73  UNK 73  73  73  UNK UNK B . n 
B 1 74  UNK 74  74  74  UNK UNK B . n 
B 1 75  UNK 75  75  75  UNK UNK B . n 
B 1 76  UNK 76  76  76  UNK UNK B . n 
B 1 77  UNK 77  77  77  UNK UNK B . n 
B 1 78  UNK 78  78  78  UNK UNK B . n 
B 1 79  UNK 79  79  79  UNK UNK B . n 
B 1 80  UNK 80  80  80  UNK UNK B . n 
B 1 81  UNK 81  81  81  UNK UNK B . n 
B 1 82  UNK 82  82  82  UNK UNK B . n 
B 1 83  UNK 83  83  83  UNK UNK B . n 
B 1 84  UNK 84  84  84  UNK UNK B . n 
B 1 85  UNK 85  85  85  UNK UNK B . n 
B 1 86  UNK 86  86  86  UNK UNK B . n 
B 1 87  UNK 87  87  87  UNK UNK B . n 
B 1 88  UNK 88  88  88  UNK UNK B . n 
B 1 89  UNK 89  89  89  UNK UNK B . n 
B 1 90  UNK 90  90  90  UNK UNK B . n 
B 1 91  UNK 91  91  91  UNK UNK B . n 
B 1 92  UNK 92  92  92  UNK UNK B . n 
B 1 93  UNK 93  93  93  UNK UNK B . n 
B 1 94  UNK 94  94  94  UNK UNK B . n 
B 1 95  UNK 95  95  95  UNK UNK B . n 
B 1 96  UNK 96  96  96  UNK UNK B . n 
B 1 97  UNK 97  97  97  UNK UNK B . n 
B 1 98  UNK 98  98  98  UNK UNK B . n 
B 1 99  UNK 99  99  99  UNK UNK B . n 
B 1 100 UNK 100 100 100 UNK UNK B . n 
B 1 101 UNK 101 101 101 UNK UNK B . n 
B 1 102 UNK 102 102 102 UNK UNK B . n 
B 1 103 UNK 103 103 103 UNK UNK B . n 
B 1 104 UNK 104 104 104 UNK UNK B . n 
B 1 105 UNK 105 105 105 UNK UNK B . n 
B 1 106 UNK 106 106 106 UNK UNK B . n 
B 1 107 UNK 107 107 107 UNK UNK B . n 
B 1 108 UNK 108 108 108 UNK UNK B . n 
B 1 109 UNK 109 109 109 UNK UNK B . n 
B 1 110 UNK 110 110 110 UNK UNK B . n 
B 1 111 UNK 111 111 111 UNK UNK B . n 
B 1 112 UNK 112 112 112 UNK UNK B . n 
B 1 113 UNK 113 113 113 UNK UNK B . n 
B 1 114 UNK 114 114 114 UNK UNK B . n 
B 1 115 UNK 115 115 115 UNK UNK B . n 
B 1 116 UNK 116 116 116 UNK UNK B . n 
B 1 117 UNK 117 117 117 UNK UNK B . n 
B 1 118 UNK 118 118 118 UNK UNK B . n 
C 1 1   UNK 1   1   1   UNK UNK C . n 
C 1 2   UNK 2   2   2   UNK UNK C . n 
C 1 3   UNK 3   3   3   UNK UNK C . n 
C 1 4   UNK 4   4   4   UNK UNK C . n 
C 1 5   UNK 5   5   5   UNK UNK C . n 
C 1 6   UNK 6   6   6   UNK UNK C . n 
C 1 7   UNK 7   7   7   UNK UNK C . n 
C 1 8   UNK 8   8   8   UNK UNK C . n 
C 1 9   UNK 9   9   9   UNK UNK C . n 
C 1 10  UNK 10  10  10  UNK UNK C . n 
C 1 11  UNK 11  11  11  UNK UNK C . n 
C 1 12  UNK 12  12  12  UNK UNK C . n 
C 1 13  UNK 13  13  13  UNK UNK C . n 
C 1 14  UNK 14  14  14  UNK UNK C . n 
C 1 15  UNK 15  15  15  UNK UNK C . n 
C 1 16  UNK 16  16  16  UNK UNK C . n 
C 1 17  UNK 17  17  17  UNK UNK C . n 
C 1 18  UNK 18  18  18  UNK UNK C . n 
C 1 19  UNK 19  19  19  UNK UNK C . n 
C 1 20  UNK 20  20  20  UNK UNK C . n 
C 1 21  UNK 21  21  21  UNK UNK C . n 
C 1 22  UNK 22  22  22  UNK UNK C . n 
C 1 23  UNK 23  23  23  UNK UNK C . n 
C 1 24  UNK 24  24  24  UNK UNK C . n 
C 1 25  UNK 25  25  25  UNK UNK C . n 
C 1 26  UNK 26  26  26  UNK UNK C . n 
C 1 27  UNK 27  27  27  UNK UNK C . n 
C 1 28  UNK 28  28  28  UNK UNK C . n 
C 1 29  UNK 29  29  29  UNK UNK C . n 
C 1 30  UNK 30  30  30  UNK UNK C . n 
C 1 31  UNK 31  31  31  UNK UNK C . n 
C 1 32  UNK 32  32  32  UNK UNK C . n 
C 1 33  UNK 33  33  33  UNK UNK C . n 
C 1 34  UNK 34  34  34  UNK UNK C . n 
C 1 35  UNK 35  35  35  UNK UNK C . n 
C 1 36  UNK 36  36  36  UNK UNK C . n 
C 1 37  UNK 37  37  37  UNK UNK C . n 
C 1 38  UNK 38  38  38  UNK UNK C . n 
C 1 39  UNK 39  39  39  UNK UNK C . n 
C 1 40  UNK 40  40  40  UNK UNK C . n 
C 1 41  UNK 41  41  41  UNK UNK C . n 
C 1 42  UNK 42  42  42  UNK UNK C . n 
C 1 43  UNK 43  43  43  UNK UNK C . n 
C 1 44  UNK 44  44  44  UNK UNK C . n 
C 1 45  UNK 45  45  45  UNK UNK C . n 
C 1 46  UNK 46  46  46  UNK UNK C . n 
C 1 47  UNK 47  47  47  UNK UNK C . n 
C 1 48  UNK 48  48  48  UNK UNK C . n 
C 1 49  UNK 49  49  49  UNK UNK C . n 
C 1 50  UNK 50  50  50  UNK UNK C . n 
C 1 51  UNK 51  51  51  UNK UNK C . n 
C 1 52  UNK 52  52  52  UNK UNK C . n 
C 1 53  UNK 53  53  53  UNK UNK C . n 
C 1 54  UNK 54  54  54  UNK UNK C . n 
C 1 55  UNK 55  55  55  UNK UNK C . n 
C 1 56  UNK 56  56  56  UNK UNK C . n 
C 1 57  UNK 57  57  57  UNK UNK C . n 
C 1 58  UNK 58  58  58  UNK UNK C . n 
C 1 59  UNK 59  59  59  UNK UNK C . n 
C 1 60  UNK 60  60  60  UNK UNK C . n 
C 1 61  UNK 61  61  61  UNK UNK C . n 
C 1 62  UNK 62  62  62  UNK UNK C . n 
C 1 63  UNK 63  63  63  UNK UNK C . n 
C 1 64  UNK 64  64  64  UNK UNK C . n 
C 1 65  UNK 65  65  65  UNK UNK C . n 
C 1 66  UNK 66  66  66  UNK UNK C . n 
C 1 67  UNK 67  67  67  UNK UNK C . n 
C 1 68  UNK 68  68  68  UNK UNK C . n 
C 1 69  UNK 69  69  69  UNK UNK C . n 
C 1 70  UNK 70  70  70  UNK UNK C . n 
C 1 71  UNK 71  71  71  UNK UNK C . n 
C 1 72  UNK 72  72  72  UNK UNK C . n 
C 1 73  UNK 73  73  73  UNK UNK C . n 
C 1 74  UNK 74  74  74  UNK UNK C . n 
C 1 75  UNK 75  75  75  UNK UNK C . n 
C 1 76  UNK 76  76  76  UNK UNK C . n 
C 1 77  UNK 77  77  77  UNK UNK C . n 
C 1 78  UNK 78  78  78  UNK UNK C . n 
C 1 79  UNK 79  79  79  UNK UNK C . n 
C 1 80  UNK 80  80  80  UNK UNK C . n 
C 1 81  UNK 81  81  81  UNK UNK C . n 
C 1 82  UNK 82  82  82  UNK UNK C . n 
C 1 83  UNK 83  83  83  UNK UNK C . n 
C 1 84  UNK 84  84  84  UNK UNK C . n 
C 1 85  UNK 85  85  85  UNK UNK C . n 
C 1 86  UNK 86  86  86  UNK UNK C . n 
C 1 87  UNK 87  87  87  UNK UNK C . n 
C 1 88  UNK 88  88  88  UNK UNK C . n 
C 1 89  UNK 89  89  89  UNK UNK C . n 
C 1 90  UNK 90  90  90  UNK UNK C . n 
C 1 91  UNK 91  91  91  UNK UNK C . n 
C 1 92  UNK 92  92  92  UNK UNK C . n 
C 1 93  UNK 93  93  93  UNK UNK C . n 
C 1 94  UNK 94  94  94  UNK UNK C . n 
C 1 95  UNK 95  95  95  UNK UNK C . n 
C 1 96  UNK 96  96  96  UNK UNK C . n 
C 1 97  UNK 97  97  97  UNK UNK C . n 
C 1 98  UNK 98  98  98  UNK UNK C . n 
C 1 99  UNK 99  99  99  UNK UNK C . n 
C 1 100 UNK 100 100 100 UNK UNK C . n 
C 1 101 UNK 101 101 101 UNK UNK C . n 
C 1 102 UNK 102 102 102 UNK UNK C . n 
C 1 103 UNK 103 103 103 UNK UNK C . n 
C 1 104 UNK 104 104 104 UNK UNK C . n 
C 1 105 UNK 105 105 105 UNK UNK C . n 
C 1 106 UNK 106 106 106 UNK UNK C . n 
C 1 107 UNK 107 107 107 UNK UNK C . n 
C 1 108 UNK 108 108 108 UNK UNK C . n 
C 1 109 UNK 109 109 109 UNK UNK C . n 
C 1 110 UNK 110 110 110 UNK UNK C . n 
C 1 111 UNK 111 111 111 UNK UNK C . n 
C 1 112 UNK 112 112 112 UNK UNK C . n 
C 1 113 UNK 113 113 113 UNK UNK C . n 
C 1 114 UNK 114 114 114 UNK UNK C . n 
C 1 115 UNK 115 115 115 UNK UNK C . n 
C 1 116 UNK 116 116 116 UNK UNK C . n 
C 1 117 UNK 117 117 117 UNK UNK C . n 
C 1 118 UNK 118 118 118 UNK UNK C . n 
# 
loop_
_pdbx_nonpoly_scheme.asym_id 
_pdbx_nonpoly_scheme.entity_id 
_pdbx_nonpoly_scheme.mon_id 
_pdbx_nonpoly_scheme.ndb_seq_num 
_pdbx_nonpoly_scheme.pdb_seq_num 
_pdbx_nonpoly_scheme.auth_seq_num 
_pdbx_nonpoly_scheme.pdb_mon_id 
_pdbx_nonpoly_scheme.auth_mon_id 
_pdbx_nonpoly_scheme.pdb_strand_id 
_pdbx_nonpoly_scheme.pdb_ins_code 
D 2 FEA 1 119 1 FEA FEA A . 
E 2 FEA 1 119 1 FEA FEA B . 
F 2 FEA 1 119 1 FEA FEA C . 
# 
loop_
_pdbx_unobs_or_zero_occ_atoms.id 
_pdbx_unobs_or_zero_occ_atoms.PDB_model_num 
_pdbx_unobs_or_zero_occ_atoms.polymer_flag 
_pdbx_unobs_or_zero_occ_atoms.occupancy_flag 
_pdbx_unobs_or_zero_occ_atoms.auth_asym_id 
_pdbx_unobs_or_zero_occ_atoms.auth_comp_id 
_pdbx_unobs_or_zero_occ_atoms.auth_seq_id 
_pdbx_unobs_or_zero_occ_atoms.PDB_ins_code 
_pdbx_unobs_or_zero_occ_atoms.auth_atom_id 
_pdbx_unobs_or_zero_occ_atoms.label_alt_id 
_pdbx_unobs_or_zero_occ_atoms.label_asym_id 
_pdbx_unobs_or_zero_occ_atoms.label_comp_id 
_pdbx_unobs_or_zero_occ_atoms.label_seq_id 
_pdbx_unobs_or_zero_occ_atoms.label_atom_id 
1  1 N 1 A FEA 119 ? O  ? D FEA 1 O  
2  1 N 1 A FEA 119 ? NA ? D FEA 1 NA 
3  1 N 1 A FEA 119 ? NB ? D FEA 1 NB 
4  1 N 1 A FEA 119 ? NC ? D FEA 1 NC 
5  1 N 1 B FEA 119 ? O  ? E FEA 1 O  
6  1 N 1 B FEA 119 ? NA ? E FEA 1 NA 
7  1 N 1 B FEA 119 ? NB ? E FEA 1 NB 
8  1 N 1 B FEA 119 ? NC ? E FEA 1 NC 
9  1 N 1 C FEA 119 ? O  ? F FEA 1 O  
10 1 N 1 C FEA 119 ? NA ? F FEA 1 NA 
11 1 N 1 C FEA 119 ? NB ? F FEA 1 NB 
12 1 N 1 C FEA 119 ? NC ? F FEA 1 NC 
# 
_cell.entry_id           1HR3 
_cell.length_a           80.310 
_cell.length_b           45.110 
_cell.length_c           63.580 
_cell.angle_alpha        90.00 
_cell.angle_beta         104.80 
_cell.angle_gamma        90.00 
_cell.Z_PDB              6 
_cell.pdbx_unique_axis   ? 
# 
_symmetry.entry_id                         1HR3 
_symmetry.space_group_name_H-M             'P 1 21 1' 
_symmetry.pdbx_full_space_group_name_H-M   ? 
_symmetry.cell_setting                     ? 
_symmetry.Int_Tables_number                4 
# 
_exptl.entry_id          1HR3 
_exptl.method            'X-RAY DIFFRACTION' 
_exptl.crystals_number   ? 
# 
_exptl_crystal.id                    1 
_exptl_crystal.density_meas          ? 
_exptl_crystal.density_Matthews      3.69 
_exptl_crystal.density_percent_sol   66.66 
_exptl_crystal.description           ? 
# 
_diffrn.id                     1 
_diffrn.ambient_temp           ? 
_diffrn.ambient_temp_details   ? 
_diffrn.crystal_id             1 
# 
_diffrn_radiation.diffrn_id                        1 
_diffrn_radiation.wavelength_id                    1 
_diffrn_radiation.pdbx_monochromatic_or_laue_m_l   ? 
_diffrn_radiation.monochromator                    ? 
_diffrn_radiation.pdbx_diffrn_protocol             ? 
_diffrn_radiation.pdbx_scattering_type             x-ray 
# 
_diffrn_radiation_wavelength.id           1 
_diffrn_radiation_wavelength.wavelength   . 
_diffrn_radiation_wavelength.wt           1.0 
# 
_refine.entry_id                                 1HR3 
_refine.ls_number_reflns_obs                     ? 
_refine.ls_number_reflns_all                     ? 
_refine.pdbx_ls_sigma_I                          ? 
_refine.pdbx_ls_sigma_F                          ? 
_refine.pdbx_data_cutoff_high_absF               ? 
_refine.pdbx_data_cutoff_low_absF                ? 
_refine.pdbx_data_cutoff_high_rms_absF           ? 
_refine.ls_d_res_low                             ? 
_refine.ls_d_res_high                            5.5 
_refine.ls_percent_reflns_obs                    ? 
_refine.ls_R_factor_obs                          ? 
_refine.ls_R_factor_all                          ? 
_refine.ls_R_factor_R_work                       ? 
_refine.ls_R_factor_R_free                       ? 
_refine.ls_R_factor_R_free_error                 ? 
_refine.ls_R_factor_R_free_error_details         ? 
_refine.ls_percent_reflns_R_free                 ? 
_refine.ls_number_reflns_R_free                  ? 
_refine.ls_number_parameters                     ? 
_refine.ls_number_restraints                     ? 
_refine.occupancy_min                            ? 
_refine.occupancy_max                            ? 
_refine.B_iso_mean                               ? 
_refine.aniso_B[1][1]                            ? 
_refine.aniso_B[2][2]                            ? 
_refine.aniso_B[3][3]                            ? 
_refine.aniso_B[1][2]                            ? 
_refine.aniso_B[1][3]                            ? 
_refine.aniso_B[2][3]                            ? 
_refine.solvent_model_details                    ? 
_refine.solvent_model_param_ksol                 ? 
_refine.solvent_model_param_bsol                 ? 
_refine.pdbx_ls_cross_valid_method               ? 
_refine.details                                  ? 
_refine.pdbx_starting_model                      ? 
_refine.pdbx_method_to_determine_struct          ? 
_refine.pdbx_isotropic_thermal_model             ? 
_refine.pdbx_stereochemistry_target_values       ? 
_refine.pdbx_stereochem_target_val_spec_case     ? 
_refine.pdbx_R_Free_selection_details            ? 
_refine.pdbx_overall_ESU_R                       ? 
_refine.pdbx_overall_ESU_R_Free                  ? 
_refine.overall_SU_ML                            ? 
_refine.overall_SU_B                             ? 
_refine.pdbx_refine_id                           'X-RAY DIFFRACTION' 
_refine.pdbx_diffrn_id                           1 
_refine.pdbx_TLS_residual_ADP_flag               ? 
_refine.correlation_coeff_Fo_to_Fc               ? 
_refine.correlation_coeff_Fo_to_Fc_free          ? 
_refine.pdbx_solvent_vdw_probe_radii             ? 
_refine.pdbx_solvent_ion_probe_radii             ? 
_refine.pdbx_solvent_shrinkage_radii             ? 
_refine.pdbx_overall_phase_error                 ? 
_refine.overall_SU_R_Cruickshank_DPI             ? 
_refine.pdbx_overall_SU_R_free_Cruickshank_DPI   ? 
_refine.pdbx_overall_SU_R_Blow_DPI               ? 
_refine.pdbx_overall_SU_R_free_Blow_DPI          ? 
# 
_refine_hist.pdbx_refine_id                   'X-RAY DIFFRACTION' 
_refine_hist.cycle_id                         LAST 
_refine_hist.pdbx_number_atoms_protein        354 
_refine_hist.pdbx_number_atoms_nucleic_acid   0 
_refine_hist.pdbx_number_atoms_ligand         6 
_refine_hist.number_atoms_solvent             0 
_refine_hist.number_atoms_total               360 
_refine_hist.d_res_high                       5.5 
_refine_hist.d_res_low                        . 
# 
loop_
_struct_ncs_oper.id 
_struct_ncs_oper.code 
_struct_ncs_oper.details 
_struct_ncs_oper.matrix[1][1] 
_struct_ncs_oper.matrix[1][2] 
_struct_ncs_oper.matrix[1][3] 
_struct_ncs_oper.matrix[2][1] 
_struct_ncs_oper.matrix[2][2] 
_struct_ncs_oper.matrix[2][3] 
_struct_ncs_oper.matrix[3][1] 
_struct_ncs_oper.matrix[3][2] 
_struct_ncs_oper.matrix[3][3] 
_struct_ncs_oper.vector[1] 
_struct_ncs_oper.vector[2] 
_struct_ncs_oper.vector[3] 
1 given ? -0.49837248 -0.60777597 -0.61824921 0.67395855  0.17699434 -0.71726635 0.54535304  -0.77412065 0.32141813 -0.00274 0.00069 0.00358  
2 given ? -0.49836349 0.67395182  0.54536914  -0.60778277 0.17699943 -0.77413283 -0.61825706 -0.71726047 0.32140406 0.00109  0.00311 -0.00251 
# 
_struct.entry_id                  1HR3 
_struct.title                     'STRUCTURE OF TRIMERIC HAEMERYTHRIN' 
_struct.pdbx_model_details        ? 
_struct.pdbx_CASP_flag            ? 
_struct.pdbx_model_type_details   ? 
# 
_struct_keywords.entry_id        1HR3 
_struct_keywords.pdbx_keywords   'OXYGEN TRANSPORT PROTEIN' 
_struct_keywords.text            'OXYGEN TRANSPORT PROTEIN' 
# 
loop_
_struct_asym.id 
_struct_asym.pdbx_blank_PDB_chainid_flag 
_struct_asym.pdbx_modified 
_struct_asym.entity_id 
_struct_asym.details 
A N N 1 ? 
B N N 1 ? 
C N N 1 ? 
D N N 2 ? 
E N N 2 ? 
F N N 2 ? 
# 
_struct_ref.id                         1 
_struct_ref.entity_id                  1 
_struct_ref.db_name                    PDB 
_struct_ref.db_code                    1HR3 
_struct_ref.pdbx_db_accession          1HR3 
_struct_ref.pdbx_db_isoform            ? 
_struct_ref.pdbx_seq_one_letter_code   ? 
_struct_ref.pdbx_align_begin           ? 
# 
loop_
_struct_ref_seq.align_id 
_struct_ref_seq.ref_id 
_struct_ref_seq.pdbx_PDB_id_code 
_struct_ref_seq.pdbx_strand_id 
_struct_ref_seq.seq_align_beg 
_struct_ref_seq.pdbx_seq_align_beg_ins_code 
_struct_ref_seq.seq_align_end 
_struct_ref_seq.pdbx_seq_align_end_ins_code 
_struct_ref_seq.pdbx_db_accession 
_struct_ref_seq.db_align_beg 
_struct_ref_seq.pdbx_db_align_beg_ins_code 
_struct_ref_seq.db_align_end 
_struct_ref_seq.pdbx_db_align_end_ins_code 
_struct_ref_seq.pdbx_auth_seq_align_beg 
_struct_ref_seq.pdbx_auth_seq_align_end 
1 1 1HR3 A 1 ? 118 ? 1HR3 1 ? 118 ? 1 118 
2 1 1HR3 B 1 ? 118 ? 1HR3 1 ? 118 ? 1 118 
3 1 1HR3 C 1 ? 118 ? 1HR3 1 ? 118 ? 1 118 
# 
_pdbx_struct_assembly.id                   1 
_pdbx_struct_assembly.details              author_defined_assembly 
_pdbx_struct_assembly.method_details       ? 
_pdbx_struct_assembly.oligomeric_details   trimeric 
_pdbx_struct_assembly.oligomeric_count     3 
# 
_pdbx_struct_assembly_gen.assembly_id       1 
_pdbx_struct_assembly_gen.oper_expression   1 
_pdbx_struct_assembly_gen.asym_id_list      A,B,C,D,E,F 
# 
_pdbx_struct_oper_list.id                   1 
_pdbx_struct_oper_list.type                 'identity operation' 
_pdbx_struct_oper_list.name                 1_555 
_pdbx_struct_oper_list.symmetry_operation   x,y,z 
_pdbx_struct_oper_list.matrix[1][1]         1.0000000000 
_pdbx_struct_oper_list.matrix[1][2]         0.0000000000 
_pdbx_struct_oper_list.matrix[1][3]         0.0000000000 
_pdbx_struct_oper_list.vector[1]            0.0000000000 
_pdbx_struct_oper_list.matrix[2][1]         0.0000000000 
_pdbx_struct_oper_list.matrix[2][2]         1.0000000000 
_pdbx_struct_oper_list.matrix[2][3]         0.0000000000 
_pdbx_struct_oper_list.vector[2]            0.0000000000 
_pdbx_struct_oper_list.matrix[3][1]         0.0000000000 
_pdbx_struct_oper_list.matrix[3][2]         0.0000000000 
_pdbx_struct_oper_list.matrix[3][3]         1.0000000000 
_pdbx_struct_oper_list.vector[3]            0.0000000000 
# 
_struct_biol.id                    1 
_struct_biol.details               
;APPLYING THE TRANSFORMATION GIVEN ON THE MTRIX 1 RECORDS
BELOW TO SUBUNIT 1 (CHAIN IDENTIFIER A) WILL YIELD
APPROXIMATE COORDINATES FOR SUBUNIT 2 (CHAIN IDENTIFIER B).
FOR THIS TRANSFORMATION PHI=11.37, PSI=34.69, CHI=120.00,
WHERE PHI, PSI, CHI FOLLOW THE CONVENTION OF M.G.ROSSMANN
AND D.M.BLOW (ACTA CRYSTALLOGR., V. 15, P. 24 (1962)).

APPLYING THE TRANSFORMATION GIVEN ON THE MTRIX 2 RECORDS
BELOW TO SUBUNIT 1 (CHAIN IDENTIFIER A) WILL YIELD
APPROXIMATE COORDINATES FOR SUBUNIT 3 (CHAIN IDENTIFIER C).
FOR THIS TRANSFORMATION PHI=11.37, PSI=34.69, CHI=-120.00.
;
_struct_biol.pdbx_parent_biol_id   ? 
# 
loop_
_struct_conf.conf_type_id 
_struct_conf.id 
_struct_conf.pdbx_PDB_helix_id 
_struct_conf.beg_label_comp_id 
_struct_conf.beg_label_asym_id 
_struct_conf.beg_label_seq_id 
_struct_conf.pdbx_beg_PDB_ins_code 
_struct_conf.end_label_comp_id 
_struct_conf.end_label_asym_id 
_struct_conf.end_label_seq_id 
_struct_conf.pdbx_end_PDB_ins_code 
_struct_conf.beg_auth_comp_id 
_struct_conf.beg_auth_asym_id 
_struct_conf.beg_auth_seq_id 
_struct_conf.end_auth_comp_id 
_struct_conf.end_auth_asym_id 
_struct_conf.end_auth_seq_id 
_struct_conf.pdbx_PDB_helix_class 
_struct_conf.details 
_struct_conf.pdbx_PDB_helix_length 
HELX_P HELX_P1  AA UNK A 19 ? UNK A 37  ? UNK A 19 UNK A 37  1 ?                           19 
HELX_P HELX_P2  BA UNK A 41 ? UNK A 64  ? UNK A 41 UNK A 64  1 ?                           24 
HELX_P HELX_P3  CA UNK A 71 ? UNK A 84  ? UNK A 71 UNK A 84  1 ?                           14 
HELX_P HELX_P4  DA UNK A 93 ? UNK A 111 ? UNK A 93 UNK A 111 1 'LAST TURN MAY BE PI HELIX' 19 
HELX_P HELX_P5  AB UNK B 19 ? UNK B 37  ? UNK B 19 UNK B 37  1 ?                           19 
HELX_P HELX_P6  BB UNK B 41 ? UNK B 64  ? UNK B 41 UNK B 64  1 ?                           24 
HELX_P HELX_P7  CB UNK B 71 ? UNK B 84  ? UNK B 71 UNK B 84  1 ?                           14 
HELX_P HELX_P8  DB UNK B 93 ? UNK B 111 ? UNK B 93 UNK B 111 1 'LAST TURN MAY BE PI HELIX' 19 
HELX_P HELX_P9  AC UNK C 19 ? UNK C 37  ? UNK C 19 UNK C 37  1 ?                           19 
HELX_P HELX_P10 BC UNK C 41 ? UNK C 64  ? UNK C 41 UNK C 64  1 ?                           24 
HELX_P HELX_P11 CC UNK C 71 ? UNK C 84  ? UNK C 71 UNK C 84  1 ?                           14 
HELX_P HELX_P12 DC UNK C 93 ? UNK C 111 ? UNK C 93 UNK C 111 1 'LAST TURN MAY BE PI HELIX' 19 
# 
_struct_conf_type.id          HELX_P 
_struct_conf_type.criteria    ? 
_struct_conf_type.reference   ? 
# 
_pdbx_entry_details.entry_id                 1HR3 
_pdbx_entry_details.compound_details         ? 
_pdbx_entry_details.source_details           ? 
_pdbx_entry_details.nonpolymer_details       
;BECAUSE THIS IS A CA COORDINATE SET, THE CONNECTIVITY OF
THE IRON ATOMS OF FEA CANNOT BE SPECIFIED ON CONECT
RECORDS.  THE CONNECTIVITY IS AS FOLLOWS
   FE1    NE2  HIS  73
          NE2  HIS  77
          NE2  HIS 106
          OE1  GLU  58
          OD1  ASP 111
          0    FEA   1
   FE2    NE2  HIS  25
          NE2  HIS  54
          OE2  GLU  58
          OD2  ASP 111
          O    FEA   1
          N1   FEA   1
;
_pdbx_entry_details.sequence_details         ? 
_pdbx_entry_details.has_ligand_of_interest   ? 
# 
loop_
_chem_comp_atom.comp_id 
_chem_comp_atom.atom_id 
_chem_comp_atom.type_symbol 
_chem_comp_atom.pdbx_aromatic_flag 
_chem_comp_atom.pdbx_stereo_config 
_chem_comp_atom.pdbx_ordinal 
FEA FE1 FE N N 1 
FEA FE2 FE N N 2 
FEA O   O  N N 3 
FEA NA  N  N N 4 
FEA NB  N  N N 5 
FEA NC  N  N N 6 
# 
loop_
_chem_comp_bond.comp_id 
_chem_comp_bond.atom_id_1 
_chem_comp_bond.atom_id_2 
_chem_comp_bond.value_order 
_chem_comp_bond.pdbx_aromatic_flag 
_chem_comp_bond.pdbx_stereo_config 
_chem_comp_bond.pdbx_ordinal 
FEA FE1 O  sing N N 1 
FEA FE2 O  sing N N 2 
FEA FE2 NA sing N N 3 
FEA NA  NB doub N N 4 
FEA NB  NC doub N N 5 
# 
loop_
_pdbx_coordinate_model.asym_id 
_pdbx_coordinate_model.type 
A 'CA ATOMS ONLY' 
B 'CA ATOMS ONLY' 
C 'CA ATOMS ONLY' 
# 
_atom_sites.entry_id                    1HR3 
_atom_sites.fract_transf_matrix[1][1]   0.00534188 
_atom_sites.fract_transf_matrix[1][2]   0.01156758 
_atom_sites.fract_transf_matrix[1][3]   0.00185259 
_atom_sites.fract_transf_matrix[2][1]   -0.01014915 
_atom_sites.fract_transf_matrix[2][2]   0.00759914 
_atom_sites.fract_transf_matrix[2][3]   -0.01818428 
_atom_sites.fract_transf_matrix[3][1]   -0.01064215 
_atom_sites.fract_transf_matrix[3][2]   0.00805128 
_atom_sites.fract_transf_matrix[3][3]   0.00930427 
_atom_sites.fract_transf_vector[1]      0.231414 
_atom_sites.fract_transf_vector[2]      0.579079 
_atom_sites.fract_transf_vector[3]      0.355647 
# 
loop_
_atom_sites_footnote.id 
_atom_sites_footnote.text 
1 'RESIDUES 7 AND 90 ARE CIS-PROLINES'                                                                                     
2 'FEA IS MONOAZIDO-MU-OXO-DIIRON.  ONLY THE COORDINATES FOR THE TWO IRON ATOMS ARE PRESENT IN THIS ENTRY.  SEE REMARK 7.' 
# 
loop_
_atom_type.symbol 
C  
FE 
# 
loop_
_atom_site.group_PDB 
_atom_site.id 
_atom_site.type_symbol 
_atom_site.label_atom_id 
_atom_site.label_alt_id 
_atom_site.label_comp_id 
_atom_site.label_asym_id 
_atom_site.label_entity_id 
_atom_site.label_seq_id 
_atom_site.pdbx_PDB_ins_code 
_atom_site.Cartn_x 
_atom_site.Cartn_y 
_atom_site.Cartn_z 
_atom_site.occupancy 
_atom_site.B_iso_or_equiv 
_atom_site.pdbx_formal_charge 
_atom_site.auth_seq_id 
_atom_site.auth_comp_id 
_atom_site.auth_asym_id 
_atom_site.auth_atom_id 
_atom_site.pdbx_PDB_model_num 
ATOM   1   C  CA  . UNK A 1 1   ? 9.652   -22.797 -16.654 1.00 0.00 ? 1   UNK A CA  1 
ATOM   2   C  CA  . UNK A 1 2   ? 6.845   -22.739 -14.076 1.00 0.00 ? 2   UNK A CA  1 
ATOM   3   C  CA  . UNK A 1 3   ? 3.247   -23.323 -15.115 1.00 0.00 ? 3   UNK A CA  1 
ATOM   4   C  CA  . UNK A 1 4   ? 1.073   -20.245 -15.579 1.00 0.00 ? 4   UNK A CA  1 
ATOM   5   C  CA  . UNK A 1 5   ? -2.196  -20.493 -13.736 1.00 0.00 ? 5   UNK A CA  1 
ATOM   6   C  CA  . UNK A 1 6   ? -5.439  -20.194 -15.641 1.00 0.00 ? 6   UNK A CA  1 
ATOM   7   C  CA  . UNK A 1 7   ? -7.471  -18.383 -14.445 1.00 0.00 ? 7   UNK A CA  1 
ATOM   8   C  CA  . UNK A 1 8   ? -4.573  -16.157 -13.352 1.00 0.00 ? 8   UNK A CA  1 
ATOM   9   C  CA  . UNK A 1 9   ? -4.949  -16.501 -9.604  1.00 0.00 ? 9   UNK A CA  1 
ATOM   10  C  CA  . UNK A 1 10  ? -2.565  -17.038 -6.710  1.00 0.00 ? 10  UNK A CA  1 
ATOM   11  C  CA  . UNK A 1 11  ? -2.713  -20.490 -5.168  1.00 0.00 ? 11  UNK A CA  1 
ATOM   12  C  CA  . UNK A 1 12  ? -1.066  -22.125 -2.114  1.00 0.00 ? 12  UNK A CA  1 
ATOM   13  C  CA  . UNK A 1 13  ? 1.732   -23.452 -4.340  1.00 0.00 ? 13  UNK A CA  1 
ATOM   14  C  CA  . UNK A 1 14  ? 3.059   -19.855 -4.309  1.00 0.00 ? 14  UNK A CA  1 
ATOM   15  C  CA  . UNK A 1 15  ? 3.095   -19.521 -0.483  1.00 0.00 ? 15  UNK A CA  1 
ATOM   16  C  CA  . UNK A 1 16  ? 6.249   -18.012 1.069   1.00 0.00 ? 16  UNK A CA  1 
ATOM   17  C  CA  . UNK A 1 17  ? 4.932   -18.286 4.676   1.00 0.00 ? 17  UNK A CA  1 
ATOM   18  C  CA  . UNK A 1 18  ? 5.260   -14.574 5.459   1.00 0.00 ? 18  UNK A CA  1 
ATOM   19  C  CA  . UNK A 1 19  ? 1.629   -13.425 5.906   1.00 0.00 ? 19  UNK A CA  1 
ATOM   20  C  CA  . UNK A 1 20  ? 2.373   -9.807  4.711   1.00 0.00 ? 20  UNK A CA  1 
ATOM   21  C  CA  . UNK A 1 21  ? 4.347   -11.028 1.660   1.00 0.00 ? 21  UNK A CA  1 
ATOM   22  C  CA  . UNK A 1 22  ? 1.756   -13.636 0.761   1.00 0.00 ? 22  UNK A CA  1 
ATOM   23  C  CA  . UNK A 1 23  ? -0.912  -10.935 0.916   1.00 0.00 ? 23  UNK A CA  1 
ATOM   24  C  CA  . UNK A 1 24  ? 1.114   -8.700  -1.341  1.00 0.00 ? 24  UNK A CA  1 
ATOM   25  C  CA  . UNK A 1 25  ? 1.746   -11.513 -3.832  1.00 0.00 ? 25  UNK A CA  1 
ATOM   26  C  CA  . UNK A 1 26  ? -2.020  -12.218 -3.963  1.00 0.00 ? 26  UNK A CA  1 
ATOM   27  C  CA  . UNK A 1 27  ? -2.612  -8.543  -4.865  1.00 0.00 ? 27  UNK A CA  1 
ATOM   28  C  CA  . UNK A 1 28  ? -0.041  -8.649  -7.672  1.00 0.00 ? 28  UNK A CA  1 
ATOM   29  C  CA  . UNK A 1 29  ? -1.828  -11.714 -9.163  1.00 0.00 ? 29  UNK A CA  1 
ATOM   30  C  CA  . UNK A 1 30  ? -5.143  -9.827  -8.816  1.00 0.00 ? 30  UNK A CA  1 
ATOM   31  C  CA  . UNK A 1 31  ? -3.476  -6.743  -10.384 1.00 0.00 ? 31  UNK A CA  1 
ATOM   32  C  CA  . UNK A 1 32  ? -2.607  -8.647  -13.529 1.00 0.00 ? 32  UNK A CA  1 
ATOM   33  C  CA  . UNK A 1 33  ? -5.950  -10.548 -13.592 1.00 0.00 ? 33  UNK A CA  1 
ATOM   34  C  CA  . UNK A 1 34  ? -7.827  -7.216  -13.517 1.00 0.00 ? 34  UNK A CA  1 
ATOM   35  C  CA  . UNK A 1 35  ? -5.681  -5.862  -16.343 1.00 0.00 ? 35  UNK A CA  1 
ATOM   36  C  CA  . UNK A 1 36  ? -6.564  -8.971  -18.369 1.00 0.00 ? 36  UNK A CA  1 
ATOM   37  C  CA  . UNK A 1 37  ? -10.300 -8.458  -17.788 1.00 0.00 ? 37  UNK A CA  1 
ATOM   38  C  CA  . UNK A 1 38  ? -10.238 -4.673  -18.143 1.00 0.00 ? 38  UNK A CA  1 
ATOM   39  C  CA  . UNK A 1 39  ? -7.171  -3.309  -19.906 1.00 0.00 ? 39  UNK A CA  1 
ATOM   40  C  CA  . UNK A 1 40  ? -7.477  0.170   -18.476 1.00 0.00 ? 40  UNK A CA  1 
ATOM   41  C  CA  . UNK A 1 41  ? -5.314  3.076   -17.397 1.00 0.00 ? 41  UNK A CA  1 
ATOM   42  C  CA  . UNK A 1 42  ? -6.480  2.739   -13.754 1.00 0.00 ? 42  UNK A CA  1 
ATOM   43  C  CA  . UNK A 1 43  ? -5.893  -1.035  -13.647 1.00 0.00 ? 43  UNK A CA  1 
ATOM   44  C  CA  . UNK A 1 44  ? -2.308  -0.636  -14.944 1.00 0.00 ? 44  UNK A CA  1 
ATOM   45  C  CA  . UNK A 1 45  ? -1.642  2.176   -12.471 1.00 0.00 ? 45  UNK A CA  1 
ATOM   46  C  CA  . UNK A 1 46  ? -2.871  -0.046  -9.629  1.00 0.00 ? 46  UNK A CA  1 
ATOM   47  C  CA  . UNK A 1 47  ? -0.549  -2.902  -10.814 1.00 0.00 ? 47  UNK A CA  1 
ATOM   48  C  CA  . UNK A 1 48  ? 2.413   -0.501  -10.745 1.00 0.00 ? 48  UNK A CA  1 
ATOM   49  C  CA  . UNK A 1 49  ? 1.341   0.793   -7.302  1.00 0.00 ? 49  UNK A CA  1 
ATOM   50  C  CA  . UNK A 1 50  ? 0.942   -2.596  -5.631  1.00 0.00 ? 50  UNK A CA  1 
ATOM   51  C  CA  . UNK A 1 51  ? 4.187   -3.945  -7.274  1.00 0.00 ? 51  UNK A CA  1 
ATOM   52  C  CA  . UNK A 1 52  ? 6.178   -0.909  -6.068  1.00 0.00 ? 52  UNK A CA  1 
ATOM   53  C  CA  . UNK A 1 53  ? 4.732   -1.349  -2.532  1.00 0.00 ? 53  UNK A CA  1 
ATOM   54  C  CA  . UNK A 1 54  ? 5.584   -5.035  -2.548  1.00 0.00 ? 54  UNK A CA  1 
ATOM   55  C  CA  . UNK A 1 55  ? 9.199   -4.583  -3.682  1.00 0.00 ? 55  UNK A CA  1 
ATOM   56  C  CA  . UNK A 1 56  ? 9.870   -1.900  -1.022  1.00 0.00 ? 56  UNK A CA  1 
ATOM   57  C  CA  . UNK A 1 57  ? 8.510   -4.185  1.708   1.00 0.00 ? 57  UNK A CA  1 
ATOM   58  C  CA  . UNK A 1 58  ? 10.114  -7.439  0.587   1.00 0.00 ? 58  UNK A CA  1 
ATOM   59  C  CA  . UNK A 1 59  ? 13.471  -5.701  0.196   1.00 0.00 ? 59  UNK A CA  1 
ATOM   60  C  CA  . UNK A 1 60  ? 13.116  -4.121  3.651   1.00 0.00 ? 60  UNK A CA  1 
ATOM   61  C  CA  . UNK A 1 61  ? 12.642  -7.604  5.020   1.00 0.00 ? 61  UNK A CA  1 
ATOM   62  C  CA  . UNK A 1 62  ? 15.629  -9.036  3.120   1.00 0.00 ? 62  UNK A CA  1 
ATOM   63  C  CA  . UNK A 1 63  ? 17.782  -6.259  4.578   1.00 0.00 ? 63  UNK A CA  1 
ATOM   64  C  CA  . UNK A 1 64  ? 16.578  -6.568  8.120   1.00 0.00 ? 64  UNK A CA  1 
ATOM   65  C  CA  . UNK A 1 65  ? 17.512  -10.253 8.022   1.00 0.00 ? 65  UNK A CA  1 
ATOM   66  C  CA  . UNK A 1 66  ? 20.942  -9.737  6.481   1.00 0.00 ? 66  UNK A CA  1 
ATOM   67  C  CA  . UNK A 1 67  ? 19.705  -12.044 3.672   1.00 0.00 ? 67  UNK A CA  1 
ATOM   68  C  CA  . UNK A 1 68  ? 22.542  -13.163 1.450   1.00 0.00 ? 68  UNK A CA  1 
ATOM   69  C  CA  . UNK A 1 69  ? 21.171  -13.054 -2.066  1.00 0.00 ? 69  UNK A CA  1 
ATOM   70  C  CA  . UNK A 1 70  ? 19.776  -9.571  -1.832  1.00 0.00 ? 70  UNK A CA  1 
ATOM   71  C  CA  . UNK A 1 71  ? 21.704  -7.677  -4.640  1.00 0.00 ? 71  UNK A CA  1 
ATOM   72  C  CA  . UNK A 1 72  ? 20.719  -9.924  -7.565  1.00 0.00 ? 72  UNK A CA  1 
ATOM   73  C  CA  . UNK A 1 73  ? 17.101  -10.035 -6.238  1.00 0.00 ? 73  UNK A CA  1 
ATOM   74  C  CA  . UNK A 1 74  ? 16.896  -6.235  -6.108  1.00 0.00 ? 74  UNK A CA  1 
ATOM   75  C  CA  . UNK A 1 75  ? 18.287  -6.017  -9.670  1.00 0.00 ? 75  UNK A CA  1 
ATOM   76  C  CA  . UNK A 1 76  ? 15.456  -8.282  -10.878 1.00 0.00 ? 76  UNK A CA  1 
ATOM   77  C  CA  . UNK A 1 77  ? 12.888  -6.177  -9.028  1.00 0.00 ? 77  UNK A CA  1 
ATOM   78  C  CA  . UNK A 1 78  ? 14.386  -2.966  -10.461 1.00 0.00 ? 78  UNK A CA  1 
ATOM   79  C  CA  . UNK A 1 79  ? 14.157  -4.205  -14.057 1.00 0.00 ? 79  UNK A CA  1 
ATOM   80  C  CA  . UNK A 1 80  ? 10.574  -5.323  -13.585 1.00 0.00 ? 80  UNK A CA  1 
ATOM   81  C  CA  . UNK A 1 81  ? 9.606   -1.846  -12.299 1.00 0.00 ? 81  UNK A CA  1 
ATOM   82  C  CA  . UNK A 1 82  ? 11.446  -0.349  -15.248 1.00 0.00 ? 82  UNK A CA  1 
ATOM   83  C  CA  . UNK A 1 83  ? 9.322   -2.412  -17.606 1.00 0.00 ? 83  UNK A CA  1 
ATOM   84  C  CA  . UNK A 1 84  ? 5.819   -1.958  -16.132 1.00 0.00 ? 84  UNK A CA  1 
ATOM   85  C  CA  . UNK A 1 85  ? 6.599   1.664   -15.261 1.00 0.00 ? 85  UNK A CA  1 
ATOM   86  C  CA  . UNK A 1 86  ? 6.973   2.261   -18.987 1.00 0.00 ? 86  UNK A CA  1 
ATOM   87  C  CA  . UNK A 1 87  ? 3.796   0.532   -20.180 1.00 0.00 ? 87  UNK A CA  1 
ATOM   88  C  CA  . UNK A 1 88  ? 0.668   2.262   -21.356 1.00 0.00 ? 88  UNK A CA  1 
ATOM   89  C  CA  . UNK A 1 89  ? -2.944  1.064   -21.426 1.00 0.00 ? 89  UNK A CA  1 
ATOM   90  C  CA  . UNK A 1 90  ? -4.199  -0.825  -23.343 1.00 0.00 ? 90  UNK A CA  1 
ATOM   91  C  CA  . UNK A 1 91  ? -1.184  -3.059  -22.717 1.00 0.00 ? 91  UNK A CA  1 
ATOM   92  C  CA  . UNK A 1 92  ? -0.174  -5.120  -25.775 1.00 0.00 ? 92  UNK A CA  1 
ATOM   93  C  CA  . UNK A 1 93  ? -0.859  -8.861  -25.542 1.00 0.00 ? 93  UNK A CA  1 
ATOM   94  C  CA  . UNK A 1 94  ? 2.850   -9.766  -25.552 1.00 0.00 ? 94  UNK A CA  1 
ATOM   95  C  CA  . UNK A 1 95  ? 3.439   -7.496  -22.506 1.00 0.00 ? 95  UNK A CA  1 
ATOM   96  C  CA  . UNK A 1 96  ? 0.468   -9.020  -20.669 1.00 0.00 ? 96  UNK A CA  1 
ATOM   97  C  CA  . UNK A 1 97  ? 1.965   -12.443 -21.362 1.00 0.00 ? 97  UNK A CA  1 
ATOM   98  C  CA  . UNK A 1 98  ? 5.391   -11.240 -20.199 1.00 0.00 ? 98  UNK A CA  1 
ATOM   99  C  CA  . UNK A 1 99  ? 3.920   -9.959  -16.904 1.00 0.00 ? 99  UNK A CA  1 
ATOM   100 C  CA  . UNK A 1 100 ? 2.057   -13.211 -16.309 1.00 0.00 ? 100 UNK A CA  1 
ATOM   101 C  CA  . UNK A 1 101 ? 5.210   -15.277 -16.860 1.00 0.00 ? 101 UNK A CA  1 
ATOM   102 C  CA  . UNK A 1 102 ? 7.532   -12.927 -14.979 1.00 0.00 ? 102 UNK A CA  1 
ATOM   103 C  CA  . UNK A 1 103 ? 5.558   -12.982 -11.682 1.00 0.00 ? 103 UNK A CA  1 
ATOM   104 C  CA  . UNK A 1 104 ? 5.198   -16.768 -11.649 1.00 0.00 ? 104 UNK A CA  1 
ATOM   105 C  CA  . UNK A 1 105 ? 8.937   -17.273 -12.374 1.00 0.00 ? 105 UNK A CA  1 
ATOM   106 C  CA  . UNK A 1 106 ? 10.000  -14.536 -9.959  1.00 0.00 ? 106 UNK A CA  1 
ATOM   107 C  CA  . UNK A 1 107 ? 8.061   -15.983 -7.043  1.00 0.00 ? 107 UNK A CA  1 
ATOM   108 C  CA  . UNK A 1 108 ? 8.950   -19.661 -7.564  1.00 0.00 ? 108 UNK A CA  1 
ATOM   109 C  CA  . UNK A 1 109 ? 12.536  -19.149 -8.731  1.00 0.00 ? 109 UNK A CA  1 
ATOM   110 C  CA  . UNK A 1 110 ? 13.700  -16.176 -6.650  1.00 0.00 ? 110 UNK A CA  1 
ATOM   111 C  CA  . UNK A 1 111 ? 11.335  -15.274 -3.807  1.00 0.00 ? 111 UNK A CA  1 
ATOM   112 C  CA  . UNK A 1 112 ? 11.329  -18.973 -2.851  1.00 0.00 ? 112 UNK A CA  1 
ATOM   113 C  CA  . UNK A 1 113 ? 15.000  -18.682 -1.876  1.00 0.00 ? 113 UNK A CA  1 
ATOM   114 C  CA  . UNK A 1 114 ? 14.256  -16.522 1.173   1.00 0.00 ? 114 UNK A CA  1 
ATOM   115 C  CA  . UNK A 1 115 ? 11.702  -19.039 2.546   1.00 0.00 ? 115 UNK A CA  1 
ATOM   116 C  CA  . UNK A 1 116 ? 12.732  -19.642 6.169   1.00 0.00 ? 116 UNK A CA  1 
ATOM   117 C  CA  . UNK A 1 117 ? 15.432  -16.944 5.960   1.00 0.00 ? 117 UNK A CA  1 
ATOM   118 C  CA  . UNK A 1 118 ? 13.708  -13.625 6.834   1.00 0.00 ? 118 UNK A CA  1 
ATOM   119 C  CA  . UNK B 1 1   ? 19.350  14.414  17.560  1.00 0.00 ? 1   UNK B CA  1 
ATOM   120 C  CA  . UNK B 1 2   ? 19.104  10.690  16.811  1.00 0.00 ? 2   UNK B CA  1 
ATOM   121 C  CA  . UNK B 1 3   ? 21.901  8.901   14.966  1.00 0.00 ? 3   UNK B CA  1 
ATOM   122 C  CA  . UNK B 1 4   ? 21.405  8.313   11.255  1.00 0.00 ? 4   UNK B CA  1 
ATOM   123 C  CA  . UNK B 1 5   ? 22.050  4.742   10.256  1.00 0.00 ? 5   UNK B CA  1 
ATOM   124 C  CA  . UNK B 1 6   ? 24.660  3.982   7.640   1.00 0.00 ? 6   UNK B CA  1 
ATOM   125 C  CA  . UNK B 1 7   ? 23.824  2.076   5.518   1.00 0.00 ? 7   UNK B CA  1 
ATOM   126 C  CA  . UNK B 1 8   ? 20.360  3.636   5.714   1.00 0.00 ? 8   UNK B CA  1 
ATOM   127 C  CA  . UNK B 1 9   ? 18.435  0.633   6.984   1.00 0.00 ? 9   UNK B CA  1 
ATOM   128 C  CA  . UNK B 1 10  ? 15.778  0.064   9.631   1.00 0.00 ? 10  UNK B CA  1 
ATOM   129 C  CA  . UNK B 1 11  ? 17.013  -1.747  12.733  1.00 0.00 ? 11  UNK B CA  1 
ATOM   130 C  CA  . UNK B 1 12  ? 15.285  -3.115  15.856  1.00 0.00 ? 12  UNK B CA  1 
ATOM   131 C  CA  . UNK B 1 13  ? 16.075  0.127   17.696  1.00 0.00 ? 13  UNK B CA  1 
ATOM   132 C  CA  . UNK B 1 14  ? 13.210  1.642   15.662  1.00 0.00 ? 14  UNK B CA  1 
ATOM   133 C  CA  . UNK B 1 15  ? 10.617  -1.021  16.643  1.00 0.00 ? 15  UNK B CA  1 
ATOM   134 C  CA  . UNK B 1 16  ? 7.164   0.258   17.690  1.00 0.00 ? 16  UNK B CA  1 
ATOM   135 C  CA  . UNK B 1 17  ? 5.769   -3.260  18.351  1.00 0.00 ? 17  UNK B CA  1 
ATOM   136 C  CA  . UNK B 1 18  ? 2.860   -2.952  15.910  1.00 0.00 ? 18  UNK B CA  1 
ATOM   137 C  CA  . UNK B 1 19  ? 3.695   -5.518  13.177  1.00 0.00 ? 19  UNK B CA  1 
ATOM   138 C  CA  . UNK B 1 20  ? 1.870   -3.511  10.402  1.00 0.00 ? 20  UNK B CA  1 
ATOM   139 C  CA  . UNK B 1 21  ? 3.512   -0.213  11.437  1.00 0.00 ? 21  UNK B CA  1 
ATOM   140 C  CA  . UNK B 1 22  ? 6.942   -1.771  11.760  1.00 0.00 ? 22  UNK B CA  1 
ATOM   141 C  CA  . UNK B 1 23  ? 6.542   -3.208  8.262   1.00 0.00 ? 23  UNK B CA  1 
ATOM   142 C  CA  . UNK B 1 24  ? 5.553   0.176   6.913   1.00 0.00 ? 24  UNK B CA  1 
ATOM   143 C  CA  . UNK B 1 25  ? 8.501   1.879   8.636   1.00 0.00 ? 25  UNK B CA  1 
ATOM   144 C  CA  . UNK B 1 26  ? 10.876  -0.681  7.082   1.00 0.00 ? 26  UNK B CA  1 
ATOM   145 C  CA  . UNK B 1 27  ? 9.509   0.215   3.624   1.00 0.00 ? 27  UNK B CA  1 
ATOM   146 C  CA  . UNK B 1 28  ? 10.025  3.948   4.201   1.00 0.00 ? 28  UNK B CA  1 
ATOM   147 C  CA  . UNK B 1 29  ? 13.703  3.269   5.131   1.00 0.00 ? 29  UNK B CA  1 
ATOM   148 C  CA  . UNK B 1 30  ? 13.986  1.118   1.966   1.00 0.00 ? 30  UNK B CA  1 
ATOM   149 C  CA  . UNK B 1 31  ? 12.239  3.906   -0.015  1.00 0.00 ? 31  UNK B CA  1 
ATOM   150 C  CA  . UNK B 1 32  ? 14.910  6.416   0.921   1.00 0.00 ? 32  UNK B CA  1 
ATOM   151 C  CA  . UNK B 1 33  ? 17.782  3.874   0.548   1.00 0.00 ? 33  UNK B CA  1 
ATOM   152 C  CA  . UNK B 1 34  ? 16.640  3.147   -3.032  1.00 0.00 ? 34  UNK B CA  1 
ATOM   153 C  CA  . UNK B 1 35  ? 16.498  6.871   -3.811  1.00 0.00 ? 35  UNK B CA  1 
ATOM   154 C  CA  . UNK B 1 36  ? 20.080  7.167   -2.541  1.00 0.00 ? 36  UNK B CA  1 
ATOM   155 C  CA  . UNK B 1 37  ? 21.276  4.330   -4.784  1.00 0.00 ? 37  UNK B CA  1 
ATOM   156 C  CA  . UNK B 1 38  ? 19.154  5.283   -7.809  1.00 0.00 ? 38  UNK B CA  1 
ATOM   157 C  CA  . UNK B 1 39  ? 17.890  8.853   -7.745  1.00 0.00 ? 39  UNK B CA  1 
ATOM   158 C  CA  . UNK B 1 40  ? 15.041  8.240   -10.142 1.00 0.00 ? 40  UNK B CA  1 
ATOM   159 C  CA  . UNK B 1 41  ? 11.533  9.442   -10.876 1.00 0.00 ? 41  UNK B CA  1 
ATOM   160 C  CA  . UNK B 1 42  ? 10.061  5.983   -10.073 1.00 0.00 ? 42  UNK B CA  1 
ATOM   161 C  CA  . UNK B 1 43  ? 12.009  5.638   -6.794  1.00 0.00 ? 43  UNK B CA  1 
ATOM   162 C  CA  . UNK B 1 44  ? 10.780  9.048   -5.573  1.00 0.00 ? 44  UNK B CA  1 
ATOM   163 C  CA  . UNK B 1 45  ? 7.207   8.220   -6.583  1.00 0.00 ? 45  UNK B CA  1 
ATOM   164 C  CA  . UNK B 1 46  ? 7.418   4.961   -4.624  1.00 0.00 ? 46  UNK B CA  1 
ATOM   165 C  CA  . UNK B 1 47  ? 8.714   6.873   -1.526  1.00 0.00 ? 47  UNK B CA  1 
ATOM   166 C  CA  . UNK B 1 48  ? 5.744   9.249   -1.752  1.00 0.00 ? 48  UNK B CA  1 
ATOM   167 C  CA  . UNK B 1 49  ? 3.363   6.284   -2.223  1.00 0.00 ? 49  UNK B CA  1 
ATOM   168 C  CA  . UNK B 1 50  ? 4.586   4.219   0.718   1.00 0.00 ? 50  UNK B CA  1 
ATOM   169 C  CA  . UNK B 1 51  ? 4.803   7.343   3.000   1.00 0.00 ? 51  UNK B CA  1 
ATOM   170 C  CA  . UNK B 1 52  ? 1.217   8.341   2.127   1.00 0.00 ? 52  UNK B CA  1 
ATOM   171 C  CA  . UNK B 1 53  ? 0.028   4.768   2.809   1.00 0.00 ? 53  UNK B CA  1 
ATOM   172 C  CA  . UNK B 1 54  ? 1.849   4.695   6.126   1.00 0.00 ? 54  UNK B CA  1 
ATOM   173 C  CA  . UNK B 1 55  ? 0.485   8.031   7.380   1.00 0.00 ? 55  UNK B CA  1 
ATOM   174 C  CA  . UNK B 1 56  ? -3.131  7.048   6.524   1.00 0.00 ? 56  UNK B CA  1 
ATOM   175 C  CA  . UNK B 1 57  ? -2.750  3.774   8.430   1.00 0.00 ? 57  UNK B CA  1 
ATOM   176 C  CA  . UNK B 1 58  ? -0.886  5.082   11.459  1.00 0.00 ? 58  UNK B CA  1 
ATOM   177 C  CA  . UNK B 1 59  ? -3.370  7.921   11.826  1.00 0.00 ? 59  UNK B CA  1 
ATOM   178 C  CA  . UNK B 1 60  ? -6.299  5.494   11.520  1.00 0.00 ? 60  UNK B CA  1 
ATOM   179 C  CA  . UNK B 1 61  ? -4.782  3.582   14.385  1.00 0.00 ? 61  UNK B CA  1 
ATOM   180 C  CA  . UNK B 1 62  ? -4.237  6.696   16.527  1.00 0.00 ? 62  UNK B CA  1 
ATOM   181 C  CA  . UNK B 1 63  ? -7.894  7.586   16.015  1.00 0.00 ? 63  UNK B CA  1 
ATOM   182 C  CA  . UNK B 1 64  ? -9.288  4.193   16.728  1.00 0.00 ? 64  UNK B CA  1 
ATOM   183 C  CA  . UNK B 1 65  ? -7.461  4.241   20.069  1.00 0.00 ? 65  UNK B CA  1 
ATOM   184 C  CA  . UNK B 1 66  ? -8.525  7.751   21.044  1.00 0.00 ? 66  UNK B CA  1 
ATOM   185 C  CA  . UNK B 1 67  ? -4.779  8.509   21.245  1.00 0.00 ? 67  UNK B CA  1 
ATOM   186 C  CA  . UNK B 1 68  ? -4.137  11.825  22.955  1.00 0.00 ? 68  UNK B CA  1 
ATOM   187 C  CA  . UNK B 1 69  ? -1.338  13.441  20.983  1.00 0.00 ? 69  UNK B CA  1 
ATOM   188 C  CA  . UNK B 1 70  ? -2.889  12.947  17.608  1.00 0.00 ? 70  UNK B CA  1 
ATOM   189 C  CA  . UNK B 1 71  ? -3.282  16.596  16.292  1.00 0.00 ? 71  UNK B CA  1 
ATOM   190 C  CA  . UNK B 1 72  ? 0.375   17.635  16.550  1.00 0.00 ? 72  UNK B CA  1 
ATOM   191 C  CA  . UNK B 1 73  ? 1.428   14.231  15.088  1.00 0.00 ? 73  UNK B CA  1 
ATOM   192 C  CA  . UNK B 1 74  ? -0.848  14.661  12.077  1.00 0.00 ? 74  UNK B CA  1 
ATOM   193 C  CA  . UNK B 1 75  ? 0.514   18.191  11.524  1.00 0.00 ? 75  UNK B CA  1 
ATOM   194 C  CA  . UNK B 1 76  ? 4.055   16.761  11.339  1.00 0.00 ? 76  UNK B CA  1 
ATOM   195 C  CA  . UNK B 1 77  ? 2.918   14.066  8.909   1.00 0.00 ? 77  UNK B CA  1 
ATOM   196 C  CA  . UNK B 1 78  ? 1.107   16.678  6.781   1.00 0.00 ? 78  UNK B CA  1 
ATOM   197 C  CA  . UNK B 1 79  ? 4.185   18.877  6.458   1.00 0.00 ? 79  UNK B CA  1 
ATOM   198 C  CA  . UNK B 1 80  ? 6.358   15.921  5.521   1.00 0.00 ? 80  UNK B CA  1 
ATOM   199 C  CA  . UNK B 1 81  ? 3.932   14.962  2.720   1.00 0.00 ? 81  UNK B CA  1 
ATOM   200 C  CA  . UNK B 1 82  ? 3.935   18.589  1.613   1.00 0.00 ? 82  UNK B CA  1 
ATOM   201 C  CA  . UNK B 1 83  ? 7.700   18.479  1.294   1.00 0.00 ? 83  UNK B CA  1 
ATOM   202 C  CA  . UNK B 1 84  ? 8.266   15.154  -0.497  1.00 0.00 ? 84  UNK B CA  1 
ATOM   203 C  CA  . UNK B 1 85  ? 5.136   15.692  -2.584  1.00 0.00 ? 85  UNK B CA  1 
ATOM   204 C  CA  . UNK B 1 86  ? 6.886   18.727  -4.048  1.00 0.00 ? 86  UNK B CA  1 
ATOM   205 C  CA  . UNK B 1 87  ? 10.262  17.131  -4.820  1.00 0.00 ? 87  UNK B CA  1 
ATOM   206 C  CA  . UNK B 1 88  ? 11.497  16.164  -8.254  1.00 0.00 ? 88  UNK B CA  1 
ATOM   207 C  CA  . UNK B 1 89  ? 14.070  13.582  -9.318  1.00 0.00 ? 89  UNK B CA  1 
ATOM   208 C  CA  . UNK B 1 90  ? 17.021  13.762  -9.159  1.00 0.00 ? 90  UNK B CA  1 
ATOM   209 C  CA  . UNK B 1 91  ? 16.506  14.950  -5.583  1.00 0.00 ? 91  UNK B CA  1 
ATOM   210 C  CA  . UNK B 1 92  ? 19.138  17.465  -4.416  1.00 0.00 ? 92  UNK B CA  1 
ATOM   211 C  CA  . UNK B 1 93  ? 21.605  16.164  -1.814  1.00 0.00 ? 93  UNK B CA  1 
ATOM   212 C  CA  . UNK B 1 94  ? 20.319  18.519  0.900   1.00 0.00 ? 94  UNK B CA  1 
ATOM   213 C  CA  . UNK B 1 95  ? 16.758  17.145  0.447   1.00 0.00 ? 95  UNK B CA  1 
ATOM   214 C  CA  . UNK B 1 96  ? 18.025  13.535  0.597   1.00 0.00 ? 96  UNK B CA  1 
ATOM   215 C  CA  . UNK B 1 97  ? 19.791  14.442  3.842   1.00 0.00 ? 97  UNK B CA  1 
ATOM   216 C  CA  . UNK B 1 98  ? 16.627  16.130  5.144   1.00 0.00 ? 98  UNK B CA  1 
ATOM   217 C  CA  . UNK B 1 99  ? 14.548  13.012  4.416   1.00 0.00 ? 99  UNK B CA  1 
ATOM   218 C  CA  . UNK B 1 100 ? 17.088  10.751  6.113   1.00 0.00 ? 100 UNK B CA  1 
ATOM   219 C  CA  . UNK B 1 101 ? 17.113  12.896  9.251   1.00 0.00 ? 101 UNK B CA  1 
ATOM   220 C  CA  . UNK B 1 102 ? 13.362  13.532  9.306   1.00 0.00 ? 102 UNK B CA  1 
ATOM   221 C  CA  . UNK B 1 103 ? 12.341  9.831   9.329   1.00 0.00 ? 103 UNK B CA  1 
ATOM   222 C  CA  . UNK B 1 104 ? 14.801  8.898   12.076  1.00 0.00 ? 104 UNK B CA  1 
ATOM   223 C  CA  . UNK B 1 105 ? 13.689  11.835  14.278  1.00 0.00 ? 105 UNK B CA  1 
ATOM   224 C  CA  . UNK B 1 106 ? 10.008  11.302  13.501  1.00 0.00 ? 106 UNK B CA  1 
ATOM   225 C  CA  . UNK B 1 107 ? 10.054  7.651   14.510  1.00 0.00 ? 107 UNK B CA  1 
ATOM   226 C  CA  . UNK B 1 108 ? 12.168  7.982   17.673  1.00 0.00 ? 108 UNK B CA  1 
ATOM   227 C  CA  . UNK B 1 109 ? 10.797  11.311  18.855  1.00 0.00 ? 109 UNK B CA  1 
ATOM   228 C  CA  . UNK B 1 110 ? 7.121   11.137  17.859  1.00 0.00 ? 110 UNK B CA  1 
ATOM   229 C  CA  . UNK B 1 111 ? 5.988   7.667   16.786  1.00 0.00 ? 111 UNK B CA  1 
ATOM   230 C  CA  . UNK B 1 112 ? 7.638   6.332   19.951  1.00 0.00 ? 112 UNK B CA  1 
ATOM   231 C  CA  . UNK B 1 113 ? 5.040   8.159   22.043  1.00 0.00 ? 113 UNK B CA  1 
ATOM   232 C  CA  . UNK B 1 114 ? 2.216   5.839   20.943  1.00 0.00 ? 114 UNK B CA  1 
ATOM   233 C  CA  . UNK B 1 115 ? 4.161   2.685   21.928  1.00 0.00 ? 115 UNK B CA  1 
ATOM   234 C  CA  . UNK B 1 116 ? 1.779   0.693   24.144  1.00 0.00 ? 116 UNK B CA  1 
ATOM   235 C  CA  . UNK B 1 117 ? -1.076  3.119   23.448  1.00 0.00 ? 117 UNK B CA  1 
ATOM   236 C  CA  . UNK B 1 118 ? -2.781  1.928   20.220  1.00 0.00 ? 118 UNK B CA  1 
ATOM   237 C  CA  . UNK C 1 1   ? -29.258 2.986   5.036   1.00 0.00 ? 1   UNK C CA  1 
ATOM   238 C  CA  . UNK C 1 2   ? -26.405 2.720   7.551   1.00 0.00 ? 2   UNK C CA  1 
ATOM   239 C  CA  . UNK C 1 3   ? -25.580 5.599   9.866   1.00 0.00 ? 3   UNK C CA  1 
ATOM   240 C  CA  . UNK C 1 4   ? -22.682 7.820   8.847   1.00 0.00 ? 4   UNK C CA  1 
ATOM   241 C  CA  . UNK C 1 5   ? -20.214 8.346   11.652  1.00 0.00 ? 5   UNK C CA  1 
ATOM   242 C  CA  . UNK C 1 6   ? -19.433 11.844  12.824  1.00 0.00 ? 6   UNK C CA  1 
ATOM   243 C  CA  . UNK C 1 7   ? -16.543 12.471  13.155  1.00 0.00 ? 7   UNK C CA  1 
ATOM   244 C  CA  . UNK C 1 8   ? -15.896 10.259  10.127  1.00 0.00 ? 8   UNK C CA  1 
ATOM   245 C  CA  . UNK C 1 9   ? -13.902 7.520   11.806  1.00 0.00 ? 9   UNK C CA  1 
ATOM   246 C  CA  . UNK C 1 10  ? -13.862 3.745   11.657  1.00 0.00 ? 10  UNK C CA  1 
ATOM   247 C  CA  . UNK C 1 11  ? -15.279 2.017   14.713  1.00 0.00 ? 11  UNK C CA  1 
ATOM   248 C  CA  . UNK C 1 12  ? -15.537 -1.630  15.844  1.00 0.00 ? 12  UNK C CA  1 
ATOM   249 C  CA  . UNK C 1 13  ? -19.032 -1.842  14.354  1.00 0.00 ? 13  UNK C CA  1 
ATOM   250 C  CA  . UNK C 1 14  ? -17.267 -2.043  10.969  1.00 0.00 ? 14  UNK C CA  1 
ATOM   251 C  CA  . UNK C 1 15  ? -14.969 -4.963  11.928  1.00 0.00 ? 15  UNK C CA  1 
ATOM   252 C  CA  . UNK C 1 16  ? -14.665 -7.817  9.395   1.00 0.00 ? 16  UNK C CA  1 
ATOM   253 C  CA  . UNK C 1 17  ? -12.241 -9.851  11.568  1.00 0.00 ? 17  UNK C CA  1 
ATOM   254 C  CA  . UNK C 1 18  ? -9.466  -9.998  8.959   1.00 0.00 ? 18  UNK C CA  1 
ATOM   255 C  CA  . UNK C 1 19  ? -6.632  -7.934  10.519  1.00 0.00 ? 19  UNK C CA  1 
ATOM   256 C  CA  . UNK C 1 20  ? -5.226  -6.825  7.077   1.00 0.00 ? 20  UNK C CA  1 
ATOM   257 C  CA  . UNK C 1 21  ? -8.691  -5.882  5.760   1.00 0.00 ? 21  UNK C CA  1 
ATOM   258 C  CA  . UNK C 1 22  ? -9.642  -4.066  8.939   1.00 0.00 ? 22  UNK C CA  1 
ATOM   259 C  CA  . UNK C 1 23  ? -6.407  -2.085  8.705   1.00 0.00 ? 23  UNK C CA  1 
ATOM   260 C  CA  . UNK C 1 24  ? -7.149  -1.185  5.119   1.00 0.00 ? 24  UNK C CA  1 
ATOM   261 C  CA  . UNK C 1 25  ? -10.716 -0.134  5.952   1.00 0.00 ? 25  UNK C CA  1 
ATOM   262 C  CA  . UNK C 1 26  ? -9.391  2.131   8.743   1.00 0.00 ? 26  UNK C CA  1 
ATOM   263 C  CA  . UNK C 1 27  ? -7.105  3.845   6.185   1.00 0.00 ? 27  UNK C CA  1 
ATOM   264 C  CA  . UNK C 1 28  ? -9.988  4.433   3.760   1.00 0.00 ? 28  UNK C CA  1 
ATOM   265 C  CA  . UNK C 1 29  ? -11.984 6.134   6.597   1.00 0.00 ? 29  UNK C CA  1 
ATOM   266 C  CA  . UNK C 1 30  ? -8.865  8.206   7.392   1.00 0.00 ? 30  UNK C CA  1 
ATOM   267 C  CA  . UNK C 1 31  ? -8.467  8.959   3.645   1.00 0.00 ? 31  UNK C CA  1 
ATOM   268 C  CA  . UNK C 1 32  ? -11.900 10.533  3.463   1.00 0.00 ? 32  UNK C CA  1 
ATOM   269 C  CA  . UNK C 1 33  ? -11.550 12.270  6.871   1.00 0.00 ? 33  UNK C CA  1 
ATOM   270 C  CA  . UNK C 1 34  ? -8.334  13.937  5.663   1.00 0.00 ? 34  UNK C CA  1 
ATOM   271 C  CA  . UNK C 1 35  ? -10.035 15.072  2.455   1.00 0.00 ? 35  UNK C CA  1 
ATOM   272 C  CA  . UNK C 1 36  ? -12.803 16.627  4.588   1.00 0.00 ? 36  UNK C CA  1 
ATOM   273 C  CA  . UNK C 1 37  ? -10.270 18.530  6.712   1.00 0.00 ? 37  UNK C CA  1 
ATOM   274 C  CA  . UNK C 1 38  ? -7.936  19.443  3.853   1.00 0.00 ? 38  UNK C CA  1 
ATOM   275 C  CA  . UNK C 1 39  ? -9.513  19.181  0.406   1.00 0.00 ? 39  UNK C CA  1 
ATOM   276 C  CA  . UNK C 1 40  ? -6.239  18.887  -1.435  1.00 0.00 ? 40  UNK C CA  1 
ATOM   277 C  CA  . UNK C 1 41  ? -4.773  17.247  -4.511  1.00 0.00 ? 41  UNK C CA  1 
ATOM   278 C  CA  . UNK C 1 42  ? -2.422  15.066  -2.382  1.00 0.00 ? 42  UNK C CA  1 
ATOM   279 C  CA  . UNK C 1 43  ? -5.211  13.958  0.003   1.00 0.00 ? 43  UNK C CA  1 
ATOM   280 C  CA  . UNK C 1 44  ? -7.436  12.859  -2.920  1.00 0.00 ? 44  UNK C CA  1 
ATOM   281 C  CA  . UNK C 1 45  ? -4.519  11.043  -4.551  1.00 0.00 ? 45  UNK C CA  1 
ATOM   282 C  CA  . UNK C 1 46  ? -3.852  9.197   -1.282  1.00 0.00 ? 46  UNK C CA  1 
ATOM   283 C  CA  . UNK C 1 47  ? -7.578  8.187   -1.051  1.00 0.00 ? 47  UNK C CA  1 
ATOM   284 C  CA  . UNK C 1 48  ? -7.401  6.766   -4.584  1.00 0.00 ? 48  UNK C CA  1 
ATOM   285 C  CA  . UNK C 1 49  ? -4.114  4.967   -3.744  1.00 0.00 ? 49  UNK C CA  1 
ATOM   286 C  CA  . UNK C 1 50  ? -5.301  3.328   -0.536  1.00 0.00 ? 50  UNK C CA  1 
ATOM   287 C  CA  . UNK C 1 51  ? -8.709  2.387   -2.099  1.00 0.00 ? 51  UNK C CA  1 
ATOM   288 C  CA  . UNK C 1 52  ? -6.994  0.772   -5.121  1.00 0.00 ? 52  UNK C CA  1 
ATOM   289 C  CA  . UNK C 1 53  ? -4.651  -1.151  -2.771  1.00 0.00 ? 53  UNK C CA  1 
ATOM   290 C  CA  . UNK C 1 54  ? -7.566  -2.316  -0.656  1.00 0.00 ? 54  UNK C CA  1 
ATOM   291 C  CA  . UNK C 1 55  ? -9.695  -3.550  -3.579  1.00 0.00 ? 55  UNK C CA  1 
ATOM   292 C  CA  . UNK C 1 56  ? -6.756  -5.544  -5.066  1.00 0.00 ? 56  UNK C CA  1 
ATOM   293 C  CA  . UNK C 1 57  ? -6.121  -7.228  -1.711  1.00 0.00 ? 57  UNK C CA  1 
ATOM   294 C  CA  . UNK C 1 58  ? -9.736  -7.906  -0.732  1.00 0.00 ? 58  UNK C CA  1 
ATOM   295 C  CA  . UNK C 1 59  ? -10.443 -9.350  -4.171  1.00 0.00 ? 59  UNK C CA  1 
ATOM   296 C  CA  . UNK C 1 60  ? -7.322  -11.526 -3.982  1.00 0.00 ? 60  UNK C CA  1 
ATOM   297 C  CA  . UNK C 1 61  ? -8.681  -12.910 -0.754  1.00 0.00 ? 61  UNK C CA  1 
ATOM   298 C  CA  . UNK C 1 62  ? -12.178 -13.521 -2.179  1.00 0.00 ? 62  UNK C CA  1 
ATOM   299 C  CA  . UNK C 1 63  ? -10.581 -15.460 -5.039  1.00 0.00 ? 63  UNK C CA  1 
ATOM   300 C  CA  . UNK C 1 64  ? -8.269  -17.522 -2.936  1.00 0.00 ? 64  UNK C CA  1 
ATOM   301 C  CA  . UNK C 1 65  ? -11.261 -18.667 -0.891  1.00 0.00 ? 65  UNK C CA  1 
ATOM   302 C  CA  . UNK C 1 66  ? -13.470 -19.465 -3.881  1.00 0.00 ? 66  UNK C CA  1 
ATOM   303 C  CA  . UNK C 1 67  ? -15.922 -16.960 -2.367  1.00 0.00 ? 67  UNK C CA  1 
ATOM   304 C  CA  . UNK C 1 68  ? -19.317 -17.161 -4.031  1.00 0.00 ? 68  UNK C CA  1 
ATOM   305 C  CA  . UNK C 1 69  ? -20.478 -13.569 -4.393  1.00 0.00 ? 69  UNK C CA  1 
ATOM   306 C  CA  . UNK C 1 70  ? -17.313 -12.290 -5.954  1.00 0.00 ? 70  UNK C CA  1 
ATOM   307 C  CA  . UNK C 1 71  ? -18.509 -10.960 -9.400  1.00 0.00 ? 71  UNK C CA  1 
ATOM   308 C  CA  . UNK C 1 72  ? -21.133 -8.502  -8.128  1.00 0.00 ? 72  UNK C CA  1 
ATOM   309 C  CA  . UNK C 1 73  ? -18.681 -7.337  -5.388  1.00 0.00 ? 73  UNK C CA  1 
ATOM   310 C  CA  . UNK C 1 74  ? -15.956 -6.644  -7.924  1.00 0.00 ? 74  UNK C CA  1 
ATOM   311 C  CA  . UNK C 1 75  ? -18.434 -4.694  -10.102 1.00 0.00 ? 75  UNK C CA  1 
ATOM   312 C  CA  . UNK C 1 76  ? -19.214 -2.431  -7.113  1.00 0.00 ? 76  UNK C CA  1 
ATOM   313 C  CA  . UNK C 1 77  ? -15.507 -1.943  -6.442  1.00 0.00 ? 77  UNK C CA  1 
ATOM   314 C  CA  . UNK C 1 78  ? -14.873 -1.168  -10.129 1.00 0.00 ? 78  UNK C CA  1 
ATOM   315 C  CA  . UNK C 1 79  ? -17.551 1.528   -10.263 1.00 0.00 ? 79  UNK C CA  1 
ATOM   316 C  CA  . UNK C 1 80  ? -16.260 3.144   -7.090  1.00 0.00 ? 80  UNK C CA  1 
ATOM   317 C  CA  . UNK C 1 81  ? -12.742 3.355   -8.563  1.00 0.00 ? 81  UNK C CA  1 
ATOM   318 C  CA  . UNK C 1 82  ? -14.249 4.783   -11.733 1.00 0.00 ? 82  UNK C CA  1 
ATOM   319 C  CA  . UNK C 1 83  ? -15.874 7.529   -9.691  1.00 0.00 ? 83  UNK C CA  1 
ATOM   320 C  CA  . UNK C 1 84  ? -13.020 8.603   -7.373  1.00 0.00 ? 84  UNK C CA  1 
ATOM   321 C  CA  . UNK C 1 85  ? -10.498 8.096   -10.187 1.00 0.00 ? 85  UNK C CA  1 
ATOM   322 C  CA  . UNK C 1 86  ? -12.310 10.859  -12.044 1.00 0.00 ? 86  UNK C CA  1 
ATOM   323 C  CA  . UNK C 1 87  ? -12.546 13.400  -9.216  1.00 0.00 ? 87  UNK C CA  1 
ATOM   324 C  CA  . UNK C 1 88  ? -10.450 16.529  -8.896  1.00 0.00 ? 88  UNK C CA  1 
ATOM   325 C  CA  . UNK C 1 89  ? -9.508  18.570  -5.826  1.00 0.00 ? 89  UNK C CA  1 
ATOM   326 C  CA  . UNK C 1 90  ? -11.186 20.467  -4.316  1.00 0.00 ? 90  UNK C CA  1 
ATOM   327 C  CA  . UNK C 1 91  ? -13.854 17.769  -4.369  1.00 0.00 ? 91  UNK C CA  1 
ATOM   328 C  CA  . UNK C 1 92  ? -17.426 19.147  -4.506  1.00 0.00 ? 92  UNK C CA  1 
ATOM   329 C  CA  . UNK C 1 93  ? -19.467 18.729  -1.322  1.00 0.00 ? 93  UNK C CA  1 
ATOM   330 C  CA  . UNK C 1 94  ? -21.934 16.326  -2.973  1.00 0.00 ? 94  UNK C CA  1 
ATOM   331 C  CA  . UNK C 1 95  ? -19.046 14.008  -3.994  1.00 0.00 ? 95  UNK C CA  1 
ATOM   332 C  CA  . UNK C 1 96  ? -17.579 14.127  -0.460  1.00 0.00 ? 96  UNK C CA  1 
ATOM   333 C  CA  . UNK C 1 97  ? -21.009 13.135  0.846   1.00 0.00 ? 97  UNK C CA  1 
ATOM   334 C  CA  . UNK C 1 98  ? -21.264 10.364  -1.768  1.00 0.00 ? 98  UNK C CA  1 
ATOM   335 C  CA  . UNK C 1 99  ? -17.876 8.940   -0.718  1.00 0.00 ? 99  UNK C CA  1 
ATOM   336 C  CA  . UNK C 1 100 ? -18.835 9.034   2.965   1.00 0.00 ? 100 UNK C CA  1 
ATOM   337 C  CA  . UNK C 1 101 ? -22.093 7.181   2.327   1.00 0.00 ? 101 UNK C CA  1 
ATOM   338 C  CA  . UNK C 1 102 ? -20.626 4.727   -0.200  1.00 0.00 ? 102 UNK C CA  1 
ATOM   339 C  CA  . UNK C 1 103 ? -17.892 3.374   2.122   1.00 0.00 ? 103 UNK C CA  1 
ATOM   340 C  CA  . UNK C 1 104 ? -20.246 2.878   5.069   1.00 0.00 ? 104 UNK C CA  1 
ATOM   341 C  CA  . UNK C 1 105 ? -22.833 1.090   2.889   1.00 0.00 ? 105 UNK C CA  1 
ATOM   342 C  CA  . UNK C 1 106 ? -20.205 -0.946  1.047   1.00 0.00 ? 106 UNK C CA  1 
ATOM   343 C  CA  . UNK C 1 107 ? -18.626 -2.278  4.216   1.00 0.00 ? 107 UNK C CA  1 
ATOM   344 C  CA  . UNK C 1 108 ? -21.842 -3.067  6.133   1.00 0.00 ? 108 UNK C CA  1 
ATOM   345 C  CA  . UNK C 1 109 ? -23.907 -4.248  3.184   1.00 0.00 ? 109 UNK C CA  1 
ATOM   346 C  CA  . UNK C 1 110 ? -21.359 -6.050  0.996   1.00 0.00 ? 110 UNK C CA  1 
ATOM   347 C  CA  . UNK C 1 111 ? -18.015 -6.651  2.719   1.00 0.00 ? 111 UNK C CA  1 
ATOM   348 C  CA  . UNK C 1 112 ? -19.995 -8.043  5.680   1.00 0.00 ? 112 UNK C CA  1 
ATOM   349 C  CA  . UNK C 1 113 ? -21.100 -10.973 3.524   1.00 0.00 ? 113 UNK C CA  1 
ATOM   350 C  CA  . UNK C 1 114 ? -17.596 -12.488 3.423   1.00 0.00 ? 114 UNK C CA  1 
ATOM   351 C  CA  . UNK C 1 115 ? -17.273 -12.445 7.234   1.00 0.00 ? 115 UNK C CA  1 
ATOM   352 C  CA  . UNK C 1 116 ? -16.227 -15.998 8.201   1.00 0.00 ? 116 UNK C CA  1 
ATOM   353 C  CA  . UNK C 1 117 ? -15.857 -16.989 4.533   1.00 0.00 ? 117 UNK C CA  1 
ATOM   354 C  CA  . UNK C 1 118 ? -12.297 -16.032 3.494   1.00 0.00 ? 118 UNK C CA  1 
HETATM 355 FE FE1 . FEA D 2 .   ? 10.900  -10.515 -5.013  1.00 0.00 ? 119 FEA A FE1 1 
HETATM 356 FE FE2 . FEA D 2 .   ? 7.771   -11.022 -4.272  1.00 0.00 ? 119 FEA A FE2 1 
HETATM 357 FE FE1 . FEA E 2 .   ? 4.055   9.087   12.472  1.00 0.00 ? 119 FEA B FE1 1 
HETATM 358 FE FE2 . FEA E 2 .   ? 5.470   6.351   11.405  1.00 0.00 ? 119 FEA B FE2 1 
HETATM 359 FE FE1 . FEA F 2 .   ? -15.244 -4.605  -0.813  1.00 0.00 ? 119 FEA C FE1 1 
HETATM 360 FE FE2 . FEA F 2 .   ? -13.639 -3.366  1.734   1.00 0.00 ? 119 FEA C FE2 1 
# 
